data_8W8H
#
_entry.id   8W8H
#
_cell.length_a   45.145
_cell.length_b   129.628
_cell.length_c   153.684
_cell.angle_alpha   90.00
_cell.angle_beta   90.00
_cell.angle_gamma   90.00
#
_symmetry.space_group_name_H-M   'P 21 21 21'
#
loop_
_entity.id
_entity.type
_entity.pdbx_description
1 polymer '2OG-Fe dioxygenase family protein'
2 non-polymer ISOLEUCINE
#
_entity_poly.entity_id   1
_entity_poly.type   'polypeptide(L)'
_entity_poly.pdbx_seq_one_letter_code
;MGSSHHHHHHSSGLVPRGSHMASMTGGQQMGRGSMSNYASFLKENGYSYIPADFYQQKNTDAAVRELQLTYEDLKADPKG
GGRYRAHSRYILAPQSDTLELDPDNGYFQSKEYNYDDGGIVREFDKISNEFLQHPVTQQMIHSNVEMARQTDFVDWEKEV
IVGLHQIRYHVTPDAPSYSSPIWLHRDDEPLVFVHLFKLSEDAIGGDNLIAPSVKQIDKVLRLTDPLETLALGQKVFHAV
TPVGTANIDGAHRDILLVTFSNR
;
_entity_poly.pdbx_strand_id   A,B,C,D
#
# COMPACT_ATOMS: atom_id res chain seq x y z
N GLY A 13 -42.91 22.56 3.25
CA GLY A 13 -41.64 23.05 3.87
C GLY A 13 -41.24 24.39 3.28
N LEU A 14 -41.13 25.40 4.15
CA LEU A 14 -40.82 26.76 3.69
C LEU A 14 -39.31 27.02 3.66
N VAL A 15 -38.57 26.29 4.48
CA VAL A 15 -37.11 26.36 4.46
C VAL A 15 -36.51 25.71 3.18
N PRO A 16 -35.46 26.32 2.59
CA PRO A 16 -34.69 25.74 1.47
C PRO A 16 -33.99 24.41 1.80
N ARG A 17 -33.44 23.74 0.79
CA ARG A 17 -32.89 22.38 0.98
C ARG A 17 -31.54 22.35 1.69
N GLY A 18 -30.57 23.07 1.12
CA GLY A 18 -29.24 23.12 1.70
C GLY A 18 -29.17 23.93 2.99
N SER A 19 -30.23 24.70 3.26
CA SER A 19 -30.33 25.49 4.48
C SER A 19 -29.91 24.74 5.72
N HIS A 20 -28.95 25.31 6.45
CA HIS A 20 -28.57 24.80 7.75
C HIS A 20 -29.81 24.56 8.64
N MET A 21 -30.84 25.40 8.47
CA MET A 21 -32.10 25.32 9.23
C MET A 21 -32.78 23.98 9.11
N ALA A 22 -32.51 23.25 8.02
CA ALA A 22 -33.02 21.86 7.85
C ALA A 22 -32.51 20.92 8.94
N SER A 23 -31.34 21.24 9.50
CA SER A 23 -30.78 20.50 10.65
C SER A 23 -31.37 20.93 11.98
N MET A 24 -32.26 21.92 11.97
CA MET A 24 -32.91 22.39 13.20
C MET A 24 -34.15 21.54 13.46
N THR A 25 -34.43 21.27 14.74
CA THR A 25 -35.62 20.50 15.11
C THR A 25 -36.84 21.27 14.67
N GLY A 26 -37.82 20.55 14.14
CA GLY A 26 -39.02 21.17 13.61
C GLY A 26 -38.71 22.26 12.60
N GLY A 27 -37.69 22.02 11.78
CA GLY A 27 -37.38 22.86 10.64
C GLY A 27 -36.99 22.03 9.43
N GLN A 28 -37.31 20.73 9.46
CA GLN A 28 -36.99 19.83 8.36
C GLN A 28 -38.14 19.91 7.36
N GLN A 29 -37.84 19.57 6.10
CA GLN A 29 -38.89 19.39 5.10
C GLN A 29 -38.89 17.90 4.84
N MET A 30 -39.99 17.40 4.30
CA MET A 30 -40.21 15.96 4.23
C MET A 30 -39.62 15.35 2.97
N GLY A 31 -39.30 14.06 3.04
CA GLY A 31 -38.78 13.31 1.89
C GLY A 31 -37.32 13.58 1.60
N ARG A 32 -36.77 12.79 0.66
CA ARG A 32 -35.42 13.01 0.14
C ARG A 32 -35.47 14.23 -0.77
N GLY A 33 -34.39 15.01 -0.79
CA GLY A 33 -34.29 16.15 -1.71
C GLY A 33 -33.58 15.72 -2.98
N SER A 34 -33.92 16.31 -4.11
CA SER A 34 -33.21 15.97 -5.33
C SER A 34 -31.80 16.55 -5.20
N MET A 35 -30.82 15.86 -5.79
CA MET A 35 -29.41 16.24 -5.65
C MET A 35 -29.11 17.68 -6.06
N SER A 36 -29.59 18.07 -7.23
CA SER A 36 -29.32 19.38 -7.81
C SER A 36 -29.80 20.52 -6.92
N ASN A 37 -30.82 20.28 -6.09
CA ASN A 37 -31.24 21.25 -5.07
C ASN A 37 -30.09 21.66 -4.14
N TYR A 38 -29.43 20.64 -3.59
CA TYR A 38 -28.31 20.85 -2.66
C TYR A 38 -27.08 21.43 -3.38
N ALA A 39 -26.82 20.98 -4.60
CA ALA A 39 -25.72 21.50 -5.41
C ALA A 39 -25.94 22.97 -5.81
N SER A 40 -27.19 23.35 -6.04
CA SER A 40 -27.53 24.75 -6.33
C SER A 40 -27.31 25.63 -5.11
N PHE A 41 -27.83 25.17 -3.98
CA PHE A 41 -27.63 25.86 -2.71
C PHE A 41 -26.13 26.05 -2.43
N LEU A 42 -25.36 24.99 -2.64
CA LEU A 42 -23.90 25.00 -2.48
C LEU A 42 -23.24 26.05 -3.36
N LYS A 43 -23.63 26.08 -4.63
CA LYS A 43 -23.06 27.00 -5.59
C LYS A 43 -23.25 28.46 -5.20
N GLU A 44 -24.41 28.78 -4.65
CA GLU A 44 -24.72 30.17 -4.31
C GLU A 44 -24.19 30.55 -2.93
N ASN A 45 -24.53 29.75 -1.93
CA ASN A 45 -24.14 30.03 -0.54
C ASN A 45 -22.72 29.62 -0.16
N GLY A 46 -22.11 28.73 -0.93
CA GLY A 46 -20.75 28.24 -0.63
C GLY A 46 -20.74 27.16 0.45
N TYR A 47 -21.90 26.59 0.74
CA TYR A 47 -22.05 25.51 1.71
C TYR A 47 -23.44 24.94 1.56
N SER A 48 -23.65 23.72 2.05
CA SER A 48 -24.98 23.11 1.99
C SER A 48 -25.15 22.01 3.02
N TYR A 49 -26.18 22.14 3.85
CA TYR A 49 -26.55 21.06 4.76
C TYR A 49 -27.30 20.02 3.97
N ILE A 50 -26.90 18.77 4.15
CA ILE A 50 -27.53 17.66 3.47
C ILE A 50 -27.94 16.63 4.52
N PRO A 51 -29.25 16.36 4.66
CA PRO A 51 -29.72 15.45 5.70
C PRO A 51 -29.34 14.01 5.40
N ALA A 52 -29.33 13.17 6.46
CA ALA A 52 -28.97 11.77 6.30
C ALA A 52 -29.90 11.04 5.32
N ASP A 53 -31.17 11.45 5.25
CA ASP A 53 -32.14 10.96 4.25
C ASP A 53 -31.49 10.70 2.90
N PHE A 54 -30.84 11.73 2.40
CA PHE A 54 -30.29 11.74 1.06
C PHE A 54 -29.26 10.63 0.83
N TYR A 55 -28.60 10.18 1.90
CA TYR A 55 -27.64 9.07 1.82
C TYR A 55 -28.21 7.73 2.39
N GLN A 56 -28.90 7.81 3.51
CA GLN A 56 -29.43 6.63 4.21
C GLN A 56 -30.65 6.05 3.52
N GLN A 57 -31.30 6.81 2.64
CA GLN A 57 -32.49 6.34 1.90
C GLN A 57 -32.42 4.86 1.50
N LYS A 58 -31.24 4.44 1.06
CA LYS A 58 -31.01 3.14 0.47
C LYS A 58 -30.06 2.24 1.28
N ASN A 59 -29.84 2.54 2.55
CA ASN A 59 -28.83 1.82 3.37
C ASN A 59 -29.41 1.42 4.72
N THR A 60 -29.29 0.14 5.08
CA THR A 60 -29.72 -0.30 6.41
C THR A 60 -28.74 0.22 7.45
N ASP A 61 -29.19 0.30 8.70
CA ASP A 61 -28.37 0.76 9.79
C ASP A 61 -27.24 -0.22 10.09
N ALA A 62 -27.53 -1.51 9.91
CA ALA A 62 -26.54 -2.56 10.11
C ALA A 62 -25.33 -2.38 9.19
N ALA A 63 -25.61 -1.95 7.95
CA ALA A 63 -24.56 -1.68 6.96
C ALA A 63 -23.73 -0.46 7.37
N VAL A 64 -24.40 0.57 7.87
CA VAL A 64 -23.73 1.77 8.34
C VAL A 64 -22.94 1.49 9.61
N ARG A 65 -23.43 0.57 10.43
CA ARG A 65 -22.76 0.23 11.69
C ARG A 65 -21.44 -0.50 11.46
N GLU A 66 -21.35 -1.28 10.39
CA GLU A 66 -20.10 -1.95 10.05
C GLU A 66 -19.00 -0.93 9.86
N LEU A 67 -19.28 0.08 9.04
CA LEU A 67 -18.36 1.18 8.79
C LEU A 67 -17.99 1.90 10.08
N GLN A 68 -18.98 2.17 10.93
CA GLN A 68 -18.74 2.85 12.20
C GLN A 68 -17.65 2.19 13.01
N LEU A 69 -17.61 0.87 12.99
CA LEU A 69 -16.68 0.11 13.81
C LEU A 69 -15.25 0.18 13.32
N THR A 70 -15.06 0.40 12.02
CA THR A 70 -13.70 0.55 11.46
C THR A 70 -12.95 1.69 12.15
N TYR A 71 -13.69 2.68 12.65
CA TYR A 71 -13.11 3.83 13.34
C TYR A 71 -12.30 3.46 14.59
N GLU A 72 -12.57 2.29 15.17
CA GLU A 72 -11.87 1.87 16.39
C GLU A 72 -10.41 1.47 16.09
N ASP A 73 -10.12 1.11 14.84
CA ASP A 73 -8.79 0.67 14.44
C ASP A 73 -7.86 1.78 13.96
N LEU A 74 -8.40 2.99 13.78
CA LEU A 74 -7.61 4.09 13.22
C LEU A 74 -6.44 4.45 14.11
N LYS A 75 -5.31 4.82 13.50
CA LYS A 75 -4.11 5.17 14.26
C LYS A 75 -4.04 6.65 14.51
N ALA A 76 -3.29 7.02 15.53
CA ALA A 76 -3.15 8.41 15.97
C ALA A 76 -2.62 9.29 14.85
N ASP A 77 -3.21 10.48 14.72
CA ASP A 77 -2.69 11.53 13.85
C ASP A 77 -1.36 11.97 14.47
N PRO A 78 -0.26 11.89 13.70
CA PRO A 78 1.06 12.31 14.17
C PRO A 78 1.05 13.66 14.90
N LYS A 79 0.40 14.67 14.32
CA LYS A 79 0.36 16.01 14.92
C LYS A 79 -0.56 16.12 16.15
N GLY A 80 -1.32 15.06 16.44
CA GLY A 80 -1.99 14.92 17.74
C GLY A 80 -3.46 15.34 17.76
N GLY A 81 -3.79 16.23 18.70
CA GLY A 81 -5.16 16.75 18.83
C GLY A 81 -6.24 15.71 19.09
N GLY A 82 -5.85 14.58 19.67
CA GLY A 82 -6.79 13.49 19.91
C GLY A 82 -7.40 12.86 18.67
N ARG A 83 -6.77 13.10 17.52
CA ARG A 83 -7.34 12.67 16.24
C ARG A 83 -6.78 11.32 15.88
N TYR A 84 -7.58 10.51 15.18
CA TYR A 84 -7.18 9.22 14.68
C TYR A 84 -7.65 9.12 13.23
N ARG A 85 -6.75 8.80 12.32
CA ARG A 85 -7.17 8.82 10.95
C ARG A 85 -6.57 7.87 9.97
N ALA A 86 -7.14 7.93 8.76
CA ALA A 86 -6.57 7.36 7.58
C ALA A 86 -6.85 8.31 6.42
N HIS A 87 -6.05 8.19 5.37
CA HIS A 87 -6.27 8.95 4.16
C HIS A 87 -6.04 8.05 2.95
N SER A 88 -6.90 8.22 1.96
CA SER A 88 -6.72 7.57 0.67
C SER A 88 -7.31 8.52 -0.34
N ARG A 89 -6.73 8.57 -1.53
CA ARG A 89 -7.27 9.40 -2.57
C ARG A 89 -7.43 8.61 -3.85
N TYR A 90 -8.45 8.99 -4.62
CA TYR A 90 -8.67 8.44 -5.95
C TYR A 90 -8.40 9.53 -6.96
N ILE A 91 -8.12 9.13 -8.20
CA ILE A 91 -7.94 10.05 -9.31
C ILE A 91 -9.07 9.84 -10.31
N LEU A 92 -9.63 10.95 -10.79
CA LEU A 92 -10.62 10.91 -11.86
C LEU A 92 -10.06 11.53 -13.12
N ALA A 93 -9.70 10.69 -14.08
CA ALA A 93 -9.27 11.15 -15.39
C ALA A 93 -10.41 11.94 -16.05
N PRO A 94 -10.08 12.97 -16.84
CA PRO A 94 -11.04 13.95 -17.35
C PRO A 94 -12.40 13.39 -17.82
N GLN A 95 -12.42 12.47 -18.78
CA GLN A 95 -13.66 11.91 -19.29
C GLN A 95 -13.90 10.49 -18.76
N SER A 96 -13.68 10.29 -17.46
CA SER A 96 -13.76 8.96 -16.87
C SER A 96 -14.62 8.97 -15.62
N ASP A 97 -15.25 7.83 -15.33
CA ASP A 97 -15.93 7.60 -14.06
C ASP A 97 -15.20 6.56 -13.22
N THR A 98 -14.07 6.07 -13.73
CA THR A 98 -13.26 5.12 -13.00
C THR A 98 -12.41 5.89 -11.99
N LEU A 99 -12.73 5.71 -10.71
CA LEU A 99 -11.88 6.15 -9.63
C LEU A 99 -10.68 5.22 -9.61
N GLU A 100 -9.48 5.79 -9.75
CA GLU A 100 -8.26 5.00 -9.71
C GLU A 100 -7.49 5.33 -8.43
N LEU A 101 -7.42 4.36 -7.52
CA LEU A 101 -6.79 4.56 -6.21
C LEU A 101 -5.30 4.90 -6.34
N ASP A 102 -4.91 6.04 -5.79
CA ASP A 102 -3.52 6.50 -5.81
C ASP A 102 -2.70 5.70 -4.80
N PRO A 103 -1.59 5.08 -5.26
CA PRO A 103 -0.73 4.36 -4.32
C PRO A 103 0.07 5.24 -3.37
N ASP A 104 0.26 6.52 -3.70
CA ASP A 104 0.88 7.46 -2.78
C ASP A 104 -0.14 7.99 -1.78
N ASN A 105 0.31 8.25 -0.56
CA ASN A 105 -0.57 8.57 0.56
C ASN A 105 -0.26 9.89 1.29
N GLY A 106 0.87 10.52 0.98
CA GLY A 106 1.27 11.76 1.63
C GLY A 106 0.20 12.82 1.48
N TYR A 107 -0.12 13.50 2.57
CA TYR A 107 -1.13 14.55 2.57
C TYR A 107 -0.51 15.90 2.86
N PHE A 108 -0.81 16.87 2.01
CA PHE A 108 -0.23 18.21 2.15
C PHE A 108 -1.31 19.26 2.01
N GLN A 109 -1.21 20.29 2.84
CA GLN A 109 -1.96 21.53 2.67
C GLN A 109 -0.96 22.65 2.88
N SER A 110 -1.09 23.73 2.10
CA SER A 110 -0.22 24.89 2.28
C SER A 110 -0.54 25.59 3.61
N LYS A 111 0.46 26.26 4.19
CA LYS A 111 0.21 27.00 5.44
C LYS A 111 -0.68 28.20 5.20
N GLU A 112 -0.85 28.53 3.93
CA GLU A 112 -1.75 29.61 3.52
C GLU A 112 -3.24 29.27 3.75
N TYR A 113 -3.53 27.99 3.98
CA TYR A 113 -4.90 27.54 4.30
C TYR A 113 -5.00 26.85 5.67
N ASN A 114 -4.24 25.78 5.85
CA ASN A 114 -4.12 25.14 7.15
C ASN A 114 -2.95 25.74 7.92
N TYR A 115 -3.27 26.69 8.79
CA TYR A 115 -2.25 27.45 9.52
C TYR A 115 -1.56 26.68 10.67
N ASP A 116 -2.11 25.54 11.08
CA ASP A 116 -1.48 24.74 12.13
C ASP A 116 -0.49 23.75 11.51
N ASP A 117 -0.98 22.73 10.83
CA ASP A 117 -0.14 21.63 10.35
C ASP A 117 0.22 21.72 8.86
N GLY A 118 -0.10 22.84 8.23
CA GLY A 118 0.20 23.02 6.81
C GLY A 118 1.67 23.32 6.58
N GLY A 119 2.07 23.33 5.31
CA GLY A 119 3.45 23.63 4.93
C GLY A 119 4.36 22.41 4.90
N ILE A 120 3.92 21.32 5.51
CA ILE A 120 4.66 20.06 5.51
C ILE A 120 3.76 18.91 5.07
N VAL A 121 4.38 17.86 4.57
CA VAL A 121 3.64 16.68 4.12
C VAL A 121 3.41 15.77 5.31
N ARG A 122 2.18 15.30 5.49
CA ARG A 122 1.85 14.37 6.59
C ARG A 122 1.60 12.97 6.06
N GLU A 123 2.23 11.99 6.70
CA GLU A 123 2.02 10.58 6.39
C GLU A 123 0.98 10.00 7.33
N PHE A 124 -0.15 9.64 6.76
CA PHE A 124 -1.19 8.92 7.51
C PHE A 124 -1.25 7.48 7.03
N ASP A 125 -2.01 6.64 7.72
CA ASP A 125 -2.32 5.31 7.22
C ASP A 125 -3.29 5.42 6.06
N LYS A 126 -3.47 4.32 5.35
CA LYS A 126 -4.44 4.27 4.26
C LYS A 126 -5.78 3.80 4.81
N ILE A 127 -6.85 4.26 4.17
CA ILE A 127 -8.19 3.85 4.55
C ILE A 127 -8.37 2.38 4.15
N SER A 128 -8.72 1.55 5.12
CA SER A 128 -8.92 0.12 4.88
C SER A 128 -9.81 -0.13 3.68
N ASN A 129 -9.50 -1.17 2.93
CA ASN A 129 -10.32 -1.53 1.77
C ASN A 129 -11.73 -1.91 2.19
N GLU A 130 -11.90 -2.49 3.37
CA GLU A 130 -13.24 -2.72 3.90
C GLU A 130 -14.05 -1.44 3.81
N PHE A 131 -13.47 -0.34 4.27
CA PHE A 131 -14.14 0.96 4.28
C PHE A 131 -14.34 1.49 2.87
N LEU A 132 -13.26 1.55 2.08
CA LEU A 132 -13.29 2.10 0.73
C LEU A 132 -14.31 1.43 -0.19
N GLN A 133 -14.37 0.10 -0.15
CA GLN A 133 -15.13 -0.68 -1.12
C GLN A 133 -16.56 -0.95 -0.63
N HIS A 134 -16.82 -0.72 0.65
CA HIS A 134 -18.15 -0.90 1.21
C HIS A 134 -19.19 -0.15 0.37
N PRO A 135 -20.35 -0.78 0.10
CA PRO A 135 -21.33 -0.15 -0.81
C PRO A 135 -21.78 1.24 -0.38
N VAL A 136 -21.96 1.44 0.92
CA VAL A 136 -22.36 2.73 1.46
C VAL A 136 -21.33 3.79 1.04
N THR A 137 -20.07 3.52 1.39
CA THR A 137 -18.98 4.44 1.07
C THR A 137 -18.99 4.78 -0.41
N GLN A 138 -19.06 3.76 -1.26
CA GLN A 138 -19.05 3.95 -2.72
C GLN A 138 -20.25 4.75 -3.20
N GLN A 139 -21.41 4.56 -2.57
CA GLN A 139 -22.62 5.28 -2.94
C GLN A 139 -22.47 6.75 -2.57
N MET A 140 -21.87 7.00 -1.42
CA MET A 140 -21.65 8.37 -0.94
C MET A 140 -20.67 9.11 -1.85
N ILE A 141 -19.61 8.42 -2.25
CA ILE A 141 -18.60 9.02 -3.11
C ILE A 141 -19.20 9.43 -4.45
N HIS A 142 -20.03 8.57 -5.03
CA HIS A 142 -20.61 8.87 -6.34
C HIS A 142 -21.68 9.97 -6.26
N SER A 143 -22.44 10.01 -5.18
CA SER A 143 -23.40 11.10 -4.95
C SER A 143 -22.68 12.43 -4.79
N ASN A 144 -21.57 12.42 -4.06
CA ASN A 144 -20.72 13.60 -3.90
C ASN A 144 -20.13 14.01 -5.24
N VAL A 145 -19.62 13.03 -5.98
CA VAL A 145 -19.04 13.27 -7.30
C VAL A 145 -20.03 13.99 -8.21
N GLU A 146 -21.26 13.49 -8.23
CA GLU A 146 -22.32 14.06 -9.08
C GLU A 146 -22.61 15.49 -8.70
N MET A 147 -22.87 15.74 -7.41
CA MET A 147 -23.03 17.11 -6.91
C MET A 147 -21.87 17.98 -7.35
N ALA A 148 -20.66 17.49 -7.08
CA ALA A 148 -19.44 18.23 -7.37
C ALA A 148 -19.37 18.60 -8.84
N ARG A 149 -19.82 17.70 -9.72
CA ARG A 149 -19.81 17.95 -11.17
C ARG A 149 -20.77 19.07 -11.59
N GLN A 150 -21.83 19.28 -10.83
CA GLN A 150 -22.75 20.39 -11.08
C GLN A 150 -22.23 21.71 -10.57
N THR A 151 -20.96 21.74 -10.16
CA THR A 151 -20.32 22.98 -9.70
C THR A 151 -19.05 23.26 -10.50
N ASP A 152 -18.70 24.55 -10.52
CA ASP A 152 -17.45 25.01 -11.12
C ASP A 152 -16.31 25.00 -10.09
N PHE A 153 -16.52 24.37 -8.94
CA PHE A 153 -15.53 24.39 -7.85
C PHE A 153 -14.20 23.73 -8.23
N VAL A 154 -14.22 22.84 -9.21
CA VAL A 154 -12.99 22.31 -9.82
C VAL A 154 -13.08 22.23 -11.34
N ASP A 155 -11.91 22.20 -11.98
CA ASP A 155 -11.82 22.10 -13.43
C ASP A 155 -11.91 20.64 -13.81
N TRP A 156 -13.08 20.24 -14.33
CA TRP A 156 -13.32 18.84 -14.71
C TRP A 156 -12.64 18.44 -16.03
N GLU A 157 -12.07 19.42 -16.72
CA GLU A 157 -11.25 19.17 -17.91
C GLU A 157 -9.95 18.47 -17.50
N LYS A 158 -9.45 18.79 -16.32
CA LYS A 158 -8.21 18.22 -15.81
C LYS A 158 -8.49 17.11 -14.80
N GLU A 159 -7.44 16.38 -14.44
CA GLU A 159 -7.53 15.34 -13.42
C GLU A 159 -8.08 15.91 -12.13
N VAL A 160 -8.99 15.17 -11.52
CA VAL A 160 -9.59 15.57 -10.25
C VAL A 160 -9.18 14.56 -9.17
N ILE A 161 -8.72 15.09 -8.03
CA ILE A 161 -8.36 14.25 -6.89
C ILE A 161 -9.52 14.19 -5.89
N VAL A 162 -10.09 12.99 -5.77
CA VAL A 162 -11.13 12.73 -4.79
C VAL A 162 -10.47 12.16 -3.54
N GLY A 163 -10.22 13.03 -2.56
CA GLY A 163 -9.50 12.64 -1.34
C GLY A 163 -10.48 12.28 -0.25
N LEU A 164 -10.16 11.22 0.50
CA LEU A 164 -10.99 10.74 1.60
C LEU A 164 -10.23 10.81 2.89
N HIS A 165 -10.82 11.40 3.93
CA HIS A 165 -10.23 11.36 5.25
C HIS A 165 -11.19 10.71 6.21
N GLN A 166 -10.83 9.53 6.68
CA GLN A 166 -11.54 8.90 7.78
C GLN A 166 -10.92 9.44 9.07
N ILE A 167 -11.72 10.14 9.86
CA ILE A 167 -11.23 10.80 11.06
C ILE A 167 -12.12 10.49 12.26
N ARG A 168 -11.48 10.07 13.36
CA ARG A 168 -12.12 10.05 14.65
C ARG A 168 -11.51 11.13 15.52
N TYR A 169 -12.36 12.03 16.02
CA TYR A 169 -11.98 12.89 17.14
C TYR A 169 -12.29 12.10 18.39
N HIS A 170 -11.26 11.78 19.16
CA HIS A 170 -11.41 10.95 20.35
C HIS A 170 -11.17 11.81 21.57
N VAL A 171 -12.02 11.70 22.57
CA VAL A 171 -11.94 12.57 23.74
C VAL A 171 -12.06 11.83 25.07
N THR A 172 -11.38 12.38 26.08
CA THR A 172 -11.55 11.98 27.46
C THR A 172 -11.53 13.26 28.27
N PRO A 173 -12.16 13.26 29.45
CA PRO A 173 -12.29 14.50 30.24
C PRO A 173 -11.01 15.31 30.38
N ASP A 174 -9.86 14.62 30.41
CA ASP A 174 -8.56 15.27 30.58
C ASP A 174 -7.99 15.85 29.28
N ALA A 175 -8.37 15.26 28.16
CA ALA A 175 -7.85 15.63 26.85
C ALA A 175 -8.93 15.68 25.77
N PRO A 176 -9.33 16.90 25.38
CA PRO A 176 -10.27 17.05 24.27
C PRO A 176 -9.59 16.93 22.92
N SER A 177 -10.41 16.96 21.86
CA SER A 177 -9.94 16.83 20.49
C SER A 177 -10.41 18.03 19.67
N TYR A 178 -9.66 18.35 18.62
CA TYR A 178 -9.99 19.48 17.76
C TYR A 178 -9.41 19.29 16.36
N SER A 179 -9.87 20.11 15.42
CA SER A 179 -9.49 19.98 14.03
C SER A 179 -8.09 20.49 13.75
N SER A 180 -7.58 20.13 12.58
CA SER A 180 -6.42 20.80 11.99
C SER A 180 -6.90 21.52 10.74
N PRO A 181 -6.92 22.86 10.71
CA PRO A 181 -6.54 23.70 11.84
C PRO A 181 -7.67 23.86 12.84
N ILE A 182 -7.35 24.51 13.94
CA ILE A 182 -8.16 24.48 15.15
C ILE A 182 -9.45 25.29 15.05
N TRP A 183 -9.40 26.42 14.36
CA TRP A 183 -10.50 27.40 14.36
C TRP A 183 -11.00 27.58 12.91
N LEU A 184 -11.55 28.76 12.60
CA LEU A 184 -12.06 29.11 11.28
C LEU A 184 -10.95 29.06 10.26
N HIS A 185 -11.24 28.45 9.12
CA HIS A 185 -10.26 28.30 8.08
C HIS A 185 -10.93 28.02 6.75
N ARG A 186 -10.12 28.02 5.71
CA ARG A 186 -10.49 27.43 4.45
C ARG A 186 -9.51 26.29 4.22
N ASP A 187 -9.93 25.31 3.44
CA ASP A 187 -9.06 24.22 3.08
C ASP A 187 -8.55 24.44 1.66
N ASP A 188 -7.36 23.92 1.36
CA ASP A 188 -6.82 23.95 -0.01
C ASP A 188 -7.84 23.41 -1.01
N GLU A 189 -8.53 22.35 -0.61
CA GLU A 189 -9.48 21.67 -1.47
C GLU A 189 -10.78 22.50 -1.62
N PRO A 190 -11.08 22.95 -2.85
CA PRO A 190 -12.23 23.83 -3.15
C PRO A 190 -13.59 23.33 -2.65
N LEU A 191 -13.76 22.02 -2.55
CA LEU A 191 -15.02 21.43 -2.10
C LEU A 191 -14.74 20.30 -1.12
N VAL A 192 -15.32 20.39 0.08
CA VAL A 192 -15.14 19.38 1.12
C VAL A 192 -16.49 18.95 1.66
N PHE A 193 -16.73 17.64 1.63
CA PHE A 193 -17.94 17.03 2.21
C PHE A 193 -17.62 16.49 3.60
N VAL A 194 -18.44 16.85 4.58
CA VAL A 194 -18.30 16.37 5.95
C VAL A 194 -19.44 15.39 6.25
N HIS A 195 -19.14 14.10 6.20
CA HIS A 195 -20.13 13.10 6.58
C HIS A 195 -19.89 12.68 8.01
N LEU A 196 -20.91 12.80 8.85
CA LEU A 196 -20.82 12.28 10.19
C LEU A 196 -21.13 10.79 10.15
N PHE A 197 -20.36 10.00 10.89
CA PHE A 197 -20.63 8.57 11.04
C PHE A 197 -21.10 8.21 12.44
N LYS A 198 -20.49 8.81 13.46
CA LYS A 198 -20.98 8.64 14.83
C LYS A 198 -20.66 9.83 15.72
N LEU A 199 -21.55 10.10 16.67
CA LEU A 199 -21.32 11.09 17.72
C LEU A 199 -21.87 10.59 19.06
N SER A 200 -20.96 10.20 19.96
CA SER A 200 -21.35 9.65 21.26
C SER A 200 -22.23 10.62 22.03
N GLU A 201 -23.30 10.10 22.63
CA GLU A 201 -24.33 10.94 23.24
C GLU A 201 -23.81 11.83 24.36
N ASP A 202 -22.70 11.45 24.98
CA ASP A 202 -22.06 12.32 25.99
C ASP A 202 -20.77 13.00 25.48
N ALA A 203 -20.84 13.45 24.23
CA ALA A 203 -19.81 14.29 23.60
C ALA A 203 -20.33 15.73 23.47
N ILE A 204 -19.47 16.70 23.79
CA ILE A 204 -19.80 18.12 23.64
C ILE A 204 -18.96 18.69 22.51
N GLY A 205 -19.39 19.80 21.94
CA GLY A 205 -18.67 20.42 20.83
C GLY A 205 -18.94 19.67 19.55
N GLY A 206 -18.10 19.86 18.54
CA GLY A 206 -18.38 19.31 17.23
C GLY A 206 -19.51 20.04 16.52
N ASP A 207 -19.78 21.29 16.96
CA ASP A 207 -20.66 22.19 16.24
C ASP A 207 -19.82 22.65 15.06
N ASN A 208 -20.41 22.63 13.86
CA ASN A 208 -19.78 23.20 12.68
C ASN A 208 -20.20 24.65 12.59
N LEU A 209 -19.25 25.51 12.22
CA LEU A 209 -19.49 26.94 12.09
C LEU A 209 -19.31 27.33 10.64
N ILE A 210 -20.21 28.20 10.15
CA ILE A 210 -20.06 28.86 8.86
C ILE A 210 -19.93 30.36 9.09
N ALA A 211 -18.94 30.97 8.45
CA ALA A 211 -18.62 32.38 8.67
C ALA A 211 -18.16 33.07 7.39
N PRO A 212 -18.66 34.28 7.14
CA PRO A 212 -18.24 35.08 5.99
C PRO A 212 -16.91 35.79 6.23
N SER A 213 -16.58 36.02 7.49
CA SER A 213 -15.30 36.58 7.87
C SER A 213 -14.85 35.92 9.16
N VAL A 214 -13.70 36.32 9.66
CA VAL A 214 -13.19 35.84 10.93
C VAL A 214 -13.71 36.66 12.11
N LYS A 215 -14.46 37.73 11.83
CA LYS A 215 -15.03 38.58 12.87
C LYS A 215 -16.50 38.31 13.13
N GLN A 216 -17.11 37.43 12.33
CA GLN A 216 -18.53 37.20 12.42
C GLN A 216 -18.89 35.78 12.02
N ILE A 217 -19.95 35.25 12.63
CA ILE A 217 -20.40 33.88 12.38
C ILE A 217 -21.87 33.91 11.98
N ASP A 218 -22.17 33.34 10.81
CA ASP A 218 -23.52 33.32 10.28
C ASP A 218 -24.31 32.08 10.69
N LYS A 219 -23.64 30.94 10.73
CA LYS A 219 -24.32 29.68 11.02
C LYS A 219 -23.58 28.85 12.07
N VAL A 220 -24.33 28.40 13.08
CA VAL A 220 -23.91 27.36 13.99
C VAL A 220 -24.88 26.22 13.77
N LEU A 221 -24.36 25.00 13.86
CA LEU A 221 -25.09 23.85 13.34
C LEU A 221 -24.28 22.61 13.70
N ARG A 222 -24.95 21.58 14.18
CA ARG A 222 -24.27 20.42 14.76
C ARG A 222 -24.76 19.11 14.18
N LEU A 223 -23.86 18.39 13.50
CA LEU A 223 -24.21 17.08 12.95
C LEU A 223 -24.22 16.05 14.07
N THR A 224 -25.32 15.30 14.21
CA THR A 224 -25.48 14.31 15.30
C THR A 224 -25.87 12.89 14.87
N ASP A 225 -26.71 12.77 13.85
CA ASP A 225 -27.17 11.46 13.37
C ASP A 225 -26.33 11.01 12.18
N PRO A 226 -26.03 9.70 12.09
CA PRO A 226 -25.17 9.15 11.03
C PRO A 226 -25.55 9.58 9.61
N LEU A 227 -24.53 9.98 8.86
CA LEU A 227 -24.65 10.41 7.46
C LEU A 227 -25.23 11.81 7.27
N GLU A 228 -25.54 12.52 8.36
CA GLU A 228 -25.80 13.96 8.27
C GLU A 228 -24.55 14.60 7.68
N THR A 229 -24.73 15.40 6.63
CA THR A 229 -23.60 15.88 5.85
C THR A 229 -23.59 17.39 5.75
N LEU A 230 -22.41 17.94 5.50
CA LEU A 230 -22.26 19.38 5.25
C LEU A 230 -21.19 19.56 4.18
N ALA A 231 -21.59 20.10 3.03
CA ALA A 231 -20.64 20.43 1.95
C ALA A 231 -20.14 21.86 2.14
N LEU A 232 -18.88 22.09 1.80
CA LEU A 232 -18.22 23.36 2.08
C LEU A 232 -17.35 23.81 0.91
N GLY A 233 -17.68 24.96 0.35
CA GLY A 233 -16.88 25.58 -0.70
C GLY A 233 -15.94 26.60 -0.12
N GLN A 234 -14.92 26.98 -0.89
CA GLN A 234 -13.93 27.93 -0.42
C GLN A 234 -14.49 29.34 -0.20
N LYS A 235 -15.67 29.61 -0.73
CA LYS A 235 -16.31 30.91 -0.55
C LYS A 235 -16.31 31.37 0.91
N VAL A 236 -16.70 30.49 1.84
CA VAL A 236 -16.84 30.82 3.26
C VAL A 236 -15.68 30.34 4.13
N PHE A 237 -15.72 30.73 5.41
CA PHE A 237 -14.86 30.12 6.43
C PHE A 237 -15.70 29.08 7.14
N HIS A 238 -15.06 27.99 7.53
CA HIS A 238 -15.73 26.98 8.35
C HIS A 238 -14.82 26.55 9.49
N ALA A 239 -15.44 25.98 10.51
CA ALA A 239 -14.70 25.42 11.63
C ALA A 239 -15.46 24.25 12.20
N VAL A 240 -14.83 23.60 13.16
CA VAL A 240 -15.54 22.66 14.00
C VAL A 240 -15.11 22.94 15.43
N THR A 241 -16.09 23.21 16.29
CA THR A 241 -15.79 23.56 17.66
C THR A 241 -15.21 22.31 18.29
N PRO A 242 -14.19 22.48 19.15
CA PRO A 242 -13.53 21.35 19.75
C PRO A 242 -14.49 20.39 20.40
N VAL A 243 -14.20 19.10 20.30
CA VAL A 243 -14.97 18.06 20.94
C VAL A 243 -14.39 17.77 22.33
N GLY A 244 -15.26 17.58 23.31
CA GLY A 244 -14.88 17.18 24.67
C GLY A 244 -15.92 16.22 25.24
N THR A 245 -15.76 15.79 26.48
CA THR A 245 -16.72 14.86 27.08
C THR A 245 -16.81 14.95 28.59
N ALA A 246 -18.03 14.75 29.10
CA ALA A 246 -18.29 14.64 30.53
C ALA A 246 -17.75 13.31 31.08
N ASN A 247 -18.01 12.24 30.33
CA ASN A 247 -17.83 10.88 30.79
C ASN A 247 -16.38 10.38 30.71
N ILE A 248 -15.93 9.68 31.76
CA ILE A 248 -14.52 9.24 31.88
C ILE A 248 -14.18 8.05 30.95
N ASP A 249 -15.20 7.31 30.51
CA ASP A 249 -14.99 6.20 29.53
C ASP A 249 -14.72 6.70 28.10
N GLY A 250 -14.83 7.99 27.87
CA GLY A 250 -14.49 8.58 26.60
C GLY A 250 -15.73 8.78 25.76
N ALA A 251 -15.59 9.68 24.80
CA ALA A 251 -16.57 9.85 23.75
C ALA A 251 -15.82 10.06 22.45
N HIS A 252 -16.54 10.11 21.35
CA HIS A 252 -15.91 10.27 20.04
C HIS A 252 -16.85 10.85 19.01
N ARG A 253 -16.26 11.52 18.03
CA ARG A 253 -16.98 12.04 16.87
C ARG A 253 -16.28 11.46 15.65
N ASP A 254 -16.97 10.62 14.89
CA ASP A 254 -16.39 9.95 13.73
C ASP A 254 -16.93 10.55 12.44
N ILE A 255 -16.03 10.98 11.56
CA ILE A 255 -16.45 11.59 10.31
C ILE A 255 -15.72 11.01 9.10
N LEU A 256 -16.31 11.24 7.93
CA LEU A 256 -15.63 10.98 6.68
C LEU A 256 -15.64 12.25 5.87
N LEU A 257 -14.45 12.74 5.53
CA LEU A 257 -14.32 13.86 4.60
C LEU A 257 -14.14 13.31 3.21
N VAL A 258 -14.78 13.97 2.25
CA VAL A 258 -14.55 13.68 0.85
C VAL A 258 -14.22 15.00 0.17
N THR A 259 -12.95 15.14 -0.22
CA THR A 259 -12.42 16.38 -0.79
C THR A 259 -12.46 16.26 -2.30
N PHE A 260 -12.56 17.41 -2.96
CA PHE A 260 -12.41 17.48 -4.42
C PHE A 260 -11.44 18.61 -4.74
N SER A 261 -10.45 18.32 -5.59
CA SER A 261 -9.44 19.29 -5.98
C SER A 261 -8.76 18.88 -7.28
N ASN A 262 -8.03 19.81 -7.88
CA ASN A 262 -7.29 19.54 -9.11
C ASN A 262 -5.83 19.17 -8.79
N ARG A 263 -5.03 18.88 -9.81
CA ARG A 263 -3.68 18.35 -9.58
C ARG A 263 -2.62 19.44 -9.42
N SER B 34 39.71 23.70 0.96
CA SER B 34 39.97 22.24 1.19
C SER B 34 38.65 21.50 1.16
N MET B 35 38.57 20.43 0.37
CA MET B 35 37.31 19.72 0.12
C MET B 35 36.61 19.23 1.37
N SER B 36 37.35 18.52 2.21
CA SER B 36 36.81 17.91 3.42
C SER B 36 36.22 18.95 4.38
N ASN B 37 36.75 20.18 4.33
CA ASN B 37 36.15 21.30 5.07
C ASN B 37 34.68 21.51 4.74
N TYR B 38 34.36 21.57 3.45
CA TYR B 38 32.99 21.75 2.98
C TYR B 38 32.10 20.55 3.28
N ALA B 39 32.66 19.35 3.13
CA ALA B 39 31.93 18.13 3.43
C ALA B 39 31.65 17.98 4.93
N SER B 40 32.56 18.47 5.77
CA SER B 40 32.35 18.48 7.23
C SER B 40 31.25 19.45 7.61
N PHE B 41 31.33 20.65 7.08
CA PHE B 41 30.31 21.68 7.29
C PHE B 41 28.93 21.13 6.88
N LEU B 42 28.89 20.48 5.72
CA LEU B 42 27.68 19.86 5.20
C LEU B 42 27.11 18.81 6.15
N LYS B 43 27.99 17.94 6.65
CA LYS B 43 27.59 16.87 7.55
C LYS B 43 26.94 17.37 8.83
N GLU B 44 27.46 18.48 9.38
CA GLU B 44 26.96 19.01 10.63
C GLU B 44 25.75 19.91 10.43
N ASN B 45 25.89 20.90 9.55
CA ASN B 45 24.82 21.86 9.30
C ASN B 45 23.70 21.41 8.36
N GLY B 46 23.97 20.38 7.55
CA GLY B 46 22.99 19.91 6.56
C GLY B 46 22.97 20.76 5.29
N TYR B 47 23.98 21.61 5.11
CA TYR B 47 24.11 22.45 3.92
C TYR B 47 25.51 23.05 3.90
N SER B 48 25.96 23.54 2.75
CA SER B 48 27.30 24.14 2.66
C SER B 48 27.47 25.04 1.45
N TYR B 49 27.88 26.29 1.68
CA TYR B 49 28.24 27.17 0.58
C TYR B 49 29.62 26.80 0.09
N ILE B 50 29.75 26.66 -1.23
CA ILE B 50 31.01 26.33 -1.86
C ILE B 50 31.30 27.36 -2.95
N PRO B 51 32.40 28.12 -2.82
CA PRO B 51 32.70 29.18 -3.77
C PRO B 51 33.12 28.64 -5.14
N ALA B 52 32.98 29.48 -6.17
CA ALA B 52 33.34 29.08 -7.53
C ALA B 52 34.81 28.67 -7.64
N ASP B 53 35.69 29.28 -6.83
CA ASP B 53 37.10 28.88 -6.69
C ASP B 53 37.29 27.37 -6.84
N PHE B 54 36.57 26.66 -5.97
CA PHE B 54 36.70 25.23 -5.80
C PHE B 54 36.44 24.45 -7.10
N TYR B 55 35.64 25.02 -7.99
CA TYR B 55 35.34 24.40 -9.30
C TYR B 55 36.07 25.09 -10.48
N GLN B 56 36.12 26.41 -10.46
CA GLN B 56 36.70 27.21 -11.54
C GLN B 56 38.23 27.18 -11.54
N GLN B 57 38.83 26.75 -10.42
CA GLN B 57 40.28 26.78 -10.20
C GLN B 57 41.13 26.67 -11.46
N LYS B 58 40.80 25.71 -12.33
CA LYS B 58 41.63 25.38 -13.50
C LYS B 58 41.00 25.78 -14.85
N ASN B 59 39.69 26.02 -14.82
CA ASN B 59 38.90 26.10 -16.06
C ASN B 59 38.77 27.53 -16.53
N THR B 60 39.01 27.77 -17.82
CA THR B 60 38.89 29.11 -18.37
C THR B 60 37.42 29.50 -18.45
N ASP B 61 37.17 30.80 -18.51
CA ASP B 61 35.82 31.33 -18.59
C ASP B 61 35.19 30.98 -19.93
N ALA B 62 36.00 30.94 -20.99
CA ALA B 62 35.54 30.57 -22.32
C ALA B 62 34.97 29.15 -22.34
N ALA B 63 35.59 28.26 -21.57
CA ALA B 63 35.10 26.88 -21.43
C ALA B 63 33.77 26.84 -20.68
N VAL B 64 33.66 27.64 -19.63
CA VAL B 64 32.42 27.74 -18.85
C VAL B 64 31.31 28.40 -19.68
N ARG B 65 31.70 29.32 -20.56
CA ARG B 65 30.73 30.03 -21.40
C ARG B 65 30.10 29.12 -22.45
N GLU B 66 30.84 28.12 -22.93
CA GLU B 66 30.31 27.14 -23.87
C GLU B 66 29.09 26.46 -23.26
N LEU B 67 29.27 25.97 -22.04
CA LEU B 67 28.19 25.33 -21.28
C LEU B 67 27.01 26.28 -21.08
N GLN B 68 27.31 27.53 -20.71
CA GLN B 68 26.26 28.52 -20.50
C GLN B 68 25.31 28.63 -21.68
N LEU B 69 25.85 28.52 -22.89
CA LEU B 69 25.05 28.69 -24.10
C LEU B 69 24.09 27.55 -24.37
N THR B 70 24.43 26.35 -23.89
CA THR B 70 23.53 25.19 -24.04
C THR B 70 22.16 25.48 -23.43
N TYR B 71 22.12 26.34 -22.42
CA TYR B 71 20.88 26.72 -21.73
C TYR B 71 19.83 27.34 -22.65
N GLU B 72 20.26 27.92 -23.77
CA GLU B 72 19.32 28.54 -24.70
C GLU B 72 18.46 27.53 -25.45
N ASP B 73 18.94 26.29 -25.55
CA ASP B 73 18.23 25.22 -26.27
C ASP B 73 17.27 24.41 -25.42
N LEU B 74 17.27 24.60 -24.10
CA LEU B 74 16.46 23.77 -23.20
C LEU B 74 14.97 23.95 -23.49
N LYS B 75 14.22 22.86 -23.37
CA LYS B 75 12.78 22.89 -23.64
C LYS B 75 11.99 23.13 -22.36
N ALA B 76 10.78 23.63 -22.53
CA ALA B 76 9.91 23.98 -21.41
C ALA B 76 9.63 22.80 -20.52
N ASP B 77 9.67 23.03 -19.20
CA ASP B 77 9.20 22.07 -18.20
C ASP B 77 7.70 21.95 -18.40
N PRO B 78 7.21 20.72 -18.65
CA PRO B 78 5.77 20.45 -18.82
C PRO B 78 4.90 21.14 -17.77
N LYS B 79 5.27 21.03 -16.49
CA LYS B 79 4.47 21.59 -15.39
C LYS B 79 4.60 23.12 -15.28
N GLY B 80 5.49 23.73 -16.06
CA GLY B 80 5.47 25.18 -16.27
C GLY B 80 6.46 25.97 -15.41
N GLY B 81 5.94 26.98 -14.72
CA GLY B 81 6.73 27.83 -13.83
C GLY B 81 7.90 28.54 -14.49
N GLY B 82 7.79 28.78 -15.81
CA GLY B 82 8.85 29.43 -16.56
C GLY B 82 10.16 28.65 -16.61
N ARG B 83 10.11 27.36 -16.31
CA ARG B 83 11.32 26.55 -16.20
C ARG B 83 11.61 25.88 -17.53
N TYR B 84 12.89 25.69 -17.82
CA TYR B 84 13.34 24.98 -19.03
C TYR B 84 14.42 24.00 -18.60
N ARG B 85 14.25 22.74 -18.98
CA ARG B 85 14.97 21.64 -18.35
C ARG B 85 15.57 20.61 -19.29
N ALA B 86 16.54 19.89 -18.74
CA ALA B 86 16.93 18.58 -19.19
C ALA B 86 17.29 17.78 -17.95
N HIS B 87 17.20 16.46 -18.07
CA HIS B 87 17.62 15.56 -17.00
C HIS B 87 18.38 14.39 -17.60
N SER B 88 19.43 13.99 -16.91
CA SER B 88 20.14 12.78 -17.23
C SER B 88 20.69 12.26 -15.91
N ARG B 89 20.77 10.95 -15.77
CA ARG B 89 21.32 10.37 -14.57
C ARG B 89 22.39 9.35 -14.91
N TYR B 90 23.36 9.23 -14.02
CA TYR B 90 24.38 8.21 -14.09
C TYR B 90 24.16 7.24 -12.94
N ILE B 91 24.67 6.02 -13.09
CA ILE B 91 24.63 5.01 -12.04
C ILE B 91 26.05 4.72 -11.57
N LEU B 92 26.23 4.63 -10.26
CA LEU B 92 27.52 4.24 -9.67
C LEU B 92 27.40 2.91 -8.98
N ALA B 93 27.92 1.87 -9.62
CA ALA B 93 27.97 0.55 -9.02
C ALA B 93 28.83 0.60 -7.75
N PRO B 94 28.47 -0.20 -6.73
CA PRO B 94 29.06 -0.12 -5.38
C PRO B 94 30.58 0.15 -5.29
N GLN B 95 31.41 -0.69 -5.90
CA GLN B 95 32.87 -0.52 -5.82
C GLN B 95 33.42 0.05 -7.14
N SER B 96 32.74 1.02 -7.72
CA SER B 96 33.09 1.52 -9.05
C SER B 96 33.16 3.03 -9.07
N ASP B 97 34.02 3.55 -9.94
CA ASP B 97 34.07 4.99 -10.23
C ASP B 97 33.58 5.28 -11.65
N THR B 98 33.12 4.24 -12.35
CA THR B 98 32.55 4.41 -13.67
C THR B 98 31.11 4.86 -13.52
N LEU B 99 30.87 6.11 -13.88
CA LEU B 99 29.52 6.62 -14.06
C LEU B 99 28.98 5.97 -15.33
N GLU B 100 27.87 5.26 -15.22
CA GLU B 100 27.24 4.64 -16.37
C GLU B 100 25.93 5.36 -16.68
N LEU B 101 25.91 6.07 -17.80
CA LEU B 101 24.76 6.88 -18.19
C LEU B 101 23.51 6.03 -18.42
N ASP B 102 22.45 6.34 -17.68
CA ASP B 102 21.17 5.63 -17.81
C ASP B 102 20.45 6.11 -19.06
N PRO B 103 20.07 5.18 -19.96
CA PRO B 103 19.30 5.58 -21.14
C PRO B 103 17.85 5.98 -20.85
N ASP B 104 17.31 5.56 -19.71
CA ASP B 104 15.96 5.97 -19.28
C ASP B 104 16.03 7.33 -18.60
N ASN B 105 14.98 8.12 -18.79
CA ASN B 105 15.01 9.54 -18.45
C ASN B 105 13.91 10.05 -17.51
N GLY B 106 12.91 9.22 -17.23
CA GLY B 106 11.79 9.64 -16.39
C GLY B 106 12.27 10.11 -15.04
N TYR B 107 11.71 11.24 -14.59
CA TYR B 107 12.07 11.80 -13.29
C TYR B 107 10.88 11.75 -12.35
N PHE B 108 11.11 11.20 -11.16
CA PHE B 108 10.06 11.06 -10.16
C PHE B 108 10.52 11.55 -8.79
N GLN B 109 9.62 12.22 -8.08
CA GLN B 109 9.77 12.51 -6.67
C GLN B 109 8.44 12.18 -6.02
N SER B 110 8.47 11.62 -4.82
CA SER B 110 7.24 11.32 -4.09
C SER B 110 6.56 12.61 -3.65
N LYS B 111 5.24 12.55 -3.50
CA LYS B 111 4.46 13.70 -2.99
C LYS B 111 4.81 13.97 -1.52
N GLU B 112 5.47 13.01 -0.89
CA GLU B 112 5.99 13.11 0.46
C GLU B 112 7.08 14.17 0.61
N TYR B 113 7.70 14.57 -0.51
CA TYR B 113 8.76 15.57 -0.52
C TYR B 113 8.45 16.76 -1.42
N ASN B 114 8.24 16.50 -2.72
CA ASN B 114 7.81 17.53 -3.65
C ASN B 114 6.30 17.58 -3.69
N TYR B 115 5.74 18.53 -2.92
CA TYR B 115 4.30 18.64 -2.75
C TYR B 115 3.54 19.22 -3.96
N ASP B 116 4.24 19.84 -4.92
CA ASP B 116 3.59 20.35 -6.11
C ASP B 116 3.52 19.27 -7.20
N ASP B 117 4.66 18.95 -7.80
CA ASP B 117 4.69 18.05 -8.97
C ASP B 117 5.09 16.61 -8.66
N GLY B 118 5.16 16.26 -7.38
CA GLY B 118 5.51 14.90 -6.97
C GLY B 118 4.37 13.94 -7.15
N GLY B 119 4.65 12.66 -6.99
CA GLY B 119 3.65 11.61 -7.13
C GLY B 119 3.47 11.09 -8.54
N ILE B 120 3.98 11.83 -9.53
CA ILE B 120 3.93 11.41 -10.93
C ILE B 120 5.30 11.48 -11.56
N VAL B 121 5.49 10.69 -12.61
CA VAL B 121 6.74 10.67 -13.36
C VAL B 121 6.73 11.79 -14.38
N ARG B 122 7.81 12.58 -14.43
CA ARG B 122 7.93 13.66 -15.41
C ARG B 122 8.94 13.30 -16.48
N GLU B 123 8.54 13.52 -17.74
CA GLU B 123 9.41 13.32 -18.88
C GLU B 123 10.03 14.65 -19.28
N PHE B 124 11.34 14.74 -19.08
CA PHE B 124 12.11 15.87 -19.57
C PHE B 124 12.97 15.40 -20.72
N ASP B 125 13.61 16.35 -21.40
CA ASP B 125 14.62 16.01 -22.40
C ASP B 125 15.87 15.54 -21.69
N LYS B 126 16.80 14.99 -22.45
CA LYS B 126 18.07 14.56 -21.90
C LYS B 126 19.08 15.70 -22.00
N ILE B 127 20.02 15.71 -21.07
CA ILE B 127 21.06 16.72 -21.08
C ILE B 127 21.99 16.39 -22.26
N SER B 128 22.18 17.36 -23.15
CA SER B 128 23.04 17.18 -24.32
C SER B 128 24.38 16.58 -23.93
N ASN B 129 24.92 15.73 -24.80
CA ASN B 129 26.22 15.13 -24.55
C ASN B 129 27.32 16.19 -24.49
N GLU B 130 27.17 17.25 -25.27
CA GLU B 130 28.09 18.38 -25.17
C GLU B 130 28.22 18.80 -23.73
N PHE B 131 27.09 18.97 -23.05
CA PHE B 131 27.06 19.39 -21.65
C PHE B 131 27.63 18.31 -20.72
N LEU B 132 27.09 17.09 -20.84
CA LEU B 132 27.49 15.99 -19.96
C LEU B 132 28.99 15.70 -19.96
N GLN B 133 29.56 15.64 -21.17
CA GLN B 133 30.93 15.16 -21.35
C GLN B 133 31.96 16.28 -21.30
N HIS B 134 31.49 17.52 -21.34
CA HIS B 134 32.37 18.68 -21.19
C HIS B 134 33.26 18.53 -19.95
N PRO B 135 34.56 18.86 -20.07
CA PRO B 135 35.47 18.62 -18.96
C PRO B 135 35.06 19.30 -17.65
N VAL B 136 34.54 20.53 -17.76
CA VAL B 136 34.07 21.26 -16.59
C VAL B 136 33.02 20.44 -15.85
N THR B 137 31.98 20.06 -16.59
CA THR B 137 30.88 19.29 -16.04
C THR B 137 31.40 18.05 -15.35
N GLN B 138 32.26 17.30 -16.04
CA GLN B 138 32.84 16.06 -15.49
C GLN B 138 33.68 16.30 -14.24
N GLN B 139 34.39 17.43 -14.21
CA GLN B 139 35.22 17.76 -13.05
C GLN B 139 34.32 18.08 -11.86
N MET B 140 33.22 18.78 -12.12
CA MET B 140 32.27 19.12 -11.07
C MET B 140 31.61 17.88 -10.50
N ILE B 141 31.22 16.95 -11.37
CA ILE B 141 30.58 15.72 -10.94
C ILE B 141 31.48 14.90 -10.03
N HIS B 142 32.75 14.79 -10.39
CA HIS B 142 33.68 13.98 -9.59
C HIS B 142 34.03 14.65 -8.25
N SER B 143 34.12 15.98 -8.24
CA SER B 143 34.31 16.72 -6.99
C SER B 143 33.11 16.54 -6.07
N ASN B 144 31.92 16.60 -6.63
CA ASN B 144 30.69 16.34 -5.90
C ASN B 144 30.67 14.92 -5.37
N VAL B 145 31.02 13.97 -6.23
CA VAL B 145 31.06 12.55 -5.86
C VAL B 145 31.96 12.33 -4.65
N GLU B 146 33.15 12.92 -4.69
CA GLU B 146 34.12 12.78 -3.60
C GLU B 146 33.57 13.34 -2.29
N MET B 147 33.09 14.58 -2.32
CA MET B 147 32.42 15.17 -1.15
C MET B 147 31.34 14.23 -0.63
N ALA B 148 30.46 13.81 -1.55
CA ALA B 148 29.34 12.95 -1.21
C ALA B 148 29.81 11.68 -0.51
N ARG B 149 30.94 11.13 -0.95
CA ARG B 149 31.49 9.91 -0.33
C ARG B 149 31.98 10.12 1.10
N GLN B 150 32.38 11.34 1.45
CA GLN B 150 32.76 11.66 2.82
C GLN B 150 31.54 11.87 3.72
N THR B 151 30.35 11.56 3.22
CA THR B 151 29.12 11.66 4.01
C THR B 151 28.37 10.34 4.06
N ASP B 152 27.56 10.20 5.09
CA ASP B 152 26.66 9.06 5.25
C ASP B 152 25.30 9.32 4.58
N PHE B 153 25.21 10.38 3.78
CA PHE B 153 23.93 10.81 3.21
C PHE B 153 23.33 9.76 2.25
N VAL B 154 24.17 8.89 1.69
CA VAL B 154 23.68 7.72 0.94
C VAL B 154 24.45 6.46 1.29
N ASP B 155 23.84 5.31 1.02
CA ASP B 155 24.44 4.01 1.25
C ASP B 155 25.32 3.67 0.05
N TRP B 156 26.63 3.80 0.23
CA TRP B 156 27.60 3.54 -0.84
C TRP B 156 27.82 2.04 -1.11
N GLU B 157 27.26 1.20 -0.24
CA GLU B 157 27.25 -0.26 -0.45
C GLU B 157 26.36 -0.59 -1.65
N LYS B 158 25.30 0.18 -1.82
CA LYS B 158 24.35 -0.06 -2.91
C LYS B 158 24.59 0.90 -4.07
N GLU B 159 23.92 0.64 -5.19
CA GLU B 159 23.94 1.51 -6.35
C GLU B 159 23.56 2.93 -5.95
N VAL B 160 24.31 3.90 -6.47
CA VAL B 160 24.04 5.30 -6.23
C VAL B 160 23.65 5.97 -7.55
N ILE B 161 22.55 6.73 -7.53
CA ILE B 161 22.11 7.47 -8.70
C ILE B 161 22.57 8.91 -8.62
N VAL B 162 23.46 9.27 -9.54
CA VAL B 162 23.95 10.64 -9.68
C VAL B 162 23.09 11.34 -10.74
N GLY B 163 22.08 12.07 -10.28
CA GLY B 163 21.13 12.72 -11.17
C GLY B 163 21.54 14.16 -11.46
N LEU B 164 21.39 14.57 -12.72
CA LEU B 164 21.73 15.92 -13.15
C LEU B 164 20.52 16.63 -13.69
N HIS B 165 20.27 17.85 -13.22
CA HIS B 165 19.21 18.67 -13.78
C HIS B 165 19.78 19.98 -14.29
N GLN B 166 19.78 20.13 -15.60
CA GLN B 166 20.08 21.40 -16.21
C GLN B 166 18.78 22.20 -16.25
N ILE B 167 18.76 23.33 -15.54
CA ILE B 167 17.55 24.13 -15.40
C ILE B 167 17.84 25.60 -15.70
N ARG B 168 17.00 26.17 -16.56
CA ARG B 168 16.91 27.62 -16.70
C ARG B 168 15.59 28.09 -16.11
N TYR B 169 15.65 29.00 -15.15
CA TYR B 169 14.49 29.76 -14.75
C TYR B 169 14.47 30.96 -15.68
N HIS B 170 13.43 31.06 -16.50
CA HIS B 170 13.33 32.11 -17.49
C HIS B 170 12.22 33.05 -17.08
N VAL B 171 12.47 34.36 -17.14
CA VAL B 171 11.50 35.34 -16.64
C VAL B 171 11.24 36.51 -17.58
N THR B 172 10.02 37.04 -17.51
CA THR B 172 9.67 38.30 -18.13
C THR B 172 8.77 39.02 -17.13
N PRO B 173 8.72 40.35 -17.15
CA PRO B 173 7.99 41.10 -16.12
C PRO B 173 6.57 40.57 -15.81
N ASP B 174 5.91 40.03 -16.82
CA ASP B 174 4.53 39.54 -16.70
C ASP B 174 4.46 38.12 -16.17
N ALA B 175 5.52 37.34 -16.36
CA ALA B 175 5.56 35.95 -15.90
C ALA B 175 6.90 35.58 -15.25
N PRO B 176 6.92 35.49 -13.92
CA PRO B 176 8.15 35.08 -13.23
C PRO B 176 8.31 33.57 -13.22
N SER B 177 9.43 33.11 -12.67
CA SER B 177 9.76 31.69 -12.61
C SER B 177 10.03 31.29 -11.15
N TYR B 178 9.79 30.01 -10.85
CA TYR B 178 9.95 29.50 -9.49
C TYR B 178 10.18 27.98 -9.50
N SER B 179 10.61 27.45 -8.36
CA SER B 179 10.98 26.04 -8.26
C SER B 179 9.77 25.13 -8.18
N SER B 180 10.04 23.84 -8.37
CA SER B 180 9.12 22.78 -8.03
C SER B 180 9.77 21.98 -6.88
N PRO B 181 9.23 22.03 -5.67
CA PRO B 181 8.06 22.83 -5.31
C PRO B 181 8.40 24.29 -5.05
N ILE B 182 7.37 25.08 -4.85
CA ILE B 182 7.47 26.53 -4.89
C ILE B 182 8.21 27.14 -3.70
N TRP B 183 7.99 26.58 -2.51
CA TRP B 183 8.47 27.18 -1.27
C TRP B 183 9.43 26.22 -0.57
N LEU B 184 9.52 26.31 0.77
CA LEU B 184 10.39 25.47 1.57
C LEU B 184 10.03 24.00 1.42
N HIS B 185 11.04 23.16 1.25
CA HIS B 185 10.80 21.75 1.05
C HIS B 185 12.06 20.96 1.33
N ARG B 186 11.92 19.64 1.31
CA ARG B 186 13.05 18.76 1.20
C ARG B 186 12.88 18.01 -0.11
N ASP B 187 13.98 17.56 -0.68
CA ASP B 187 13.92 16.75 -1.88
C ASP B 187 14.14 15.29 -1.51
N ASP B 188 13.59 14.40 -2.34
CA ASP B 188 13.79 12.96 -2.18
C ASP B 188 15.25 12.62 -2.07
N GLU B 189 16.05 13.30 -2.88
CA GLU B 189 17.48 13.02 -2.97
C GLU B 189 18.21 13.59 -1.75
N PRO B 190 18.83 12.71 -0.93
CA PRO B 190 19.48 13.09 0.32
C PRO B 190 20.53 14.19 0.21
N LEU B 191 21.17 14.31 -0.94
CA LEU B 191 22.17 15.33 -1.18
C LEU B 191 21.97 15.97 -2.54
N VAL B 192 21.82 17.30 -2.56
CA VAL B 192 21.62 18.03 -3.81
C VAL B 192 22.62 19.18 -3.90
N PHE B 193 23.38 19.22 -4.99
CA PHE B 193 24.30 20.30 -5.28
C PHE B 193 23.67 21.30 -6.24
N VAL B 194 23.70 22.58 -5.88
CA VAL B 194 23.16 23.65 -6.72
C VAL B 194 24.30 24.46 -7.30
N HIS B 195 24.63 24.20 -8.57
CA HIS B 195 25.65 24.97 -9.25
C HIS B 195 24.99 26.05 -10.08
N LEU B 196 25.36 27.30 -9.85
CA LEU B 196 24.91 28.38 -10.70
C LEU B 196 25.78 28.43 -11.95
N PHE B 197 25.15 28.62 -13.10
CA PHE B 197 25.89 28.83 -14.35
C PHE B 197 25.77 30.25 -14.87
N LYS B 198 24.59 30.86 -14.79
CA LYS B 198 24.44 32.27 -15.14
C LYS B 198 23.29 32.93 -14.42
N LEU B 199 23.43 34.23 -14.17
CA LEU B 199 22.38 35.07 -13.58
C LEU B 199 22.38 36.46 -14.22
N SER B 200 21.40 36.73 -15.08
CA SER B 200 21.31 38.01 -15.78
C SER B 200 21.28 39.16 -14.79
N GLU B 201 22.04 40.22 -15.08
CA GLU B 201 22.21 41.32 -14.13
C GLU B 201 20.92 42.03 -13.77
N ASP B 202 19.89 41.94 -14.63
CA ASP B 202 18.57 42.48 -14.27
C ASP B 202 17.54 41.40 -13.90
N ALA B 203 18.01 40.37 -13.18
CA ALA B 203 17.17 39.32 -12.61
C ALA B 203 17.12 39.48 -11.08
N ILE B 204 15.92 39.38 -10.52
CA ILE B 204 15.70 39.52 -9.07
C ILE B 204 15.28 38.18 -8.54
N GLY B 205 15.42 37.96 -7.22
CA GLY B 205 15.07 36.68 -6.62
C GLY B 205 16.16 35.66 -6.89
N GLY B 206 15.84 34.39 -6.73
CA GLY B 206 16.87 33.35 -6.81
C GLY B 206 17.79 33.36 -5.61
N ASP B 207 17.30 33.94 -4.49
CA ASP B 207 17.95 33.81 -3.20
C ASP B 207 17.62 32.39 -2.76
N ASN B 208 18.62 31.65 -2.30
CA ASN B 208 18.40 30.36 -1.69
C ASN B 208 18.21 30.57 -0.22
N LEU B 209 17.27 29.82 0.36
CA LEU B 209 16.97 29.91 1.78
C LEU B 209 17.31 28.58 2.44
N ILE B 210 17.89 28.65 3.64
CA ILE B 210 18.08 27.47 4.51
C ILE B 210 17.26 27.71 5.78
N ALA B 211 16.51 26.70 6.18
CA ALA B 211 15.56 26.84 7.29
C ALA B 211 15.42 25.55 8.09
N PRO B 212 15.40 25.65 9.42
CA PRO B 212 15.18 24.51 10.30
C PRO B 212 13.71 24.14 10.40
N SER B 213 12.82 25.09 10.13
CA SER B 213 11.39 24.84 10.09
C SER B 213 10.78 25.74 9.04
N VAL B 214 9.46 25.67 8.89
CA VAL B 214 8.75 26.54 7.97
C VAL B 214 8.35 27.88 8.61
N LYS B 215 8.65 28.04 9.90
CA LYS B 215 8.34 29.29 10.61
C LYS B 215 9.56 30.19 10.76
N GLN B 216 10.73 29.70 10.38
CA GLN B 216 11.97 30.41 10.63
C GLN B 216 13.01 30.13 9.57
N ILE B 217 13.85 31.13 9.31
CA ILE B 217 14.87 31.06 8.28
C ILE B 217 16.23 31.40 8.90
N ASP B 218 17.17 30.47 8.78
CA ASP B 218 18.51 30.62 9.35
C ASP B 218 19.50 31.26 8.39
N LYS B 219 19.40 30.94 7.11
CA LYS B 219 20.32 31.47 6.12
C LYS B 219 19.62 31.98 4.86
N VAL B 220 19.98 33.19 4.44
CA VAL B 220 19.65 33.71 3.12
C VAL B 220 20.98 33.90 2.43
N LEU B 221 21.00 33.65 1.13
CA LEU B 221 22.24 33.44 0.41
C LEU B 221 21.89 33.36 -1.08
N ARG B 222 22.61 34.14 -1.88
CA ARG B 222 22.24 34.33 -3.28
C ARG B 222 23.43 34.05 -4.19
N LEU B 223 23.31 33.01 -5.01
CA LEU B 223 24.38 32.65 -5.94
C LEU B 223 24.30 33.59 -7.14
N THR B 224 25.43 34.22 -7.48
CA THR B 224 25.49 35.22 -8.58
C THR B 224 26.57 34.98 -9.64
N ASP B 225 27.75 34.51 -9.21
CA ASP B 225 28.85 34.25 -10.14
C ASP B 225 28.88 32.77 -10.54
N PRO B 226 29.21 32.48 -11.81
CA PRO B 226 29.27 31.12 -12.33
C PRO B 226 30.02 30.11 -11.46
N LEU B 227 29.40 28.96 -11.24
CA LEU B 227 29.93 27.84 -10.45
C LEU B 227 29.90 28.05 -8.94
N GLU B 228 29.38 29.18 -8.46
CA GLU B 228 29.05 29.33 -7.04
C GLU B 228 28.05 28.23 -6.72
N THR B 229 28.32 27.47 -5.66
CA THR B 229 27.57 26.25 -5.40
C THR B 229 26.98 26.25 -3.99
N LEU B 230 25.93 25.47 -3.80
CA LEU B 230 25.33 25.25 -2.50
C LEU B 230 24.90 23.80 -2.39
N ALA B 231 25.50 23.05 -1.46
CA ALA B 231 25.11 21.67 -1.19
C ALA B 231 24.01 21.64 -0.14
N LEU B 232 23.09 20.69 -0.27
CA LEU B 232 21.91 20.64 0.59
C LEU B 232 21.57 19.21 1.00
N GLY B 233 21.59 18.96 2.29
CA GLY B 233 21.20 17.68 2.86
C GLY B 233 19.75 17.71 3.31
N GLN B 234 19.17 16.54 3.51
CA GLN B 234 17.78 16.46 3.94
C GLN B 234 17.54 16.98 5.35
N LYS B 235 18.61 17.16 6.13
CA LYS B 235 18.48 17.67 7.50
C LYS B 235 17.62 18.91 7.59
N VAL B 236 17.85 19.89 6.70
CA VAL B 236 17.16 21.19 6.73
C VAL B 236 16.06 21.32 5.67
N PHE B 237 15.34 22.45 5.71
CA PHE B 237 14.47 22.85 4.61
C PHE B 237 15.23 23.84 3.76
N HIS B 238 14.97 23.81 2.45
CA HIS B 238 15.53 24.80 1.55
C HIS B 238 14.46 25.30 0.60
N ALA B 239 14.73 26.47 0.03
CA ALA B 239 13.86 27.00 -1.01
C ALA B 239 14.70 27.83 -1.96
N VAL B 240 14.05 28.29 -3.02
CA VAL B 240 14.63 29.31 -3.84
C VAL B 240 13.55 30.34 -4.10
N THR B 241 13.87 31.59 -3.76
CA THR B 241 12.88 32.63 -3.88
C THR B 241 12.65 32.82 -5.36
N PRO B 242 11.39 33.06 -5.76
CA PRO B 242 11.06 33.18 -7.16
C PRO B 242 11.95 34.18 -7.87
N VAL B 243 12.29 33.86 -9.11
CA VAL B 243 13.04 34.75 -9.98
C VAL B 243 12.06 35.62 -10.76
N GLY B 244 12.39 36.90 -10.90
CA GLY B 244 11.62 37.84 -11.71
C GLY B 244 12.58 38.81 -12.38
N THR B 245 12.04 39.78 -13.10
CA THR B 245 12.88 40.75 -13.80
C THR B 245 12.22 42.11 -14.01
N ALA B 246 13.05 43.16 -13.94
CA ALA B 246 12.66 44.51 -14.27
C ALA B 246 12.46 44.66 -15.78
N ASN B 247 13.39 44.11 -16.54
CA ASN B 247 13.50 44.35 -17.98
C ASN B 247 12.54 43.51 -18.82
N ILE B 248 11.93 44.15 -19.82
CA ILE B 248 10.89 43.52 -20.66
C ILE B 248 11.45 42.47 -21.65
N ASP B 249 12.74 42.58 -21.97
CA ASP B 249 13.40 41.60 -22.85
C ASP B 249 13.70 40.25 -22.17
N GLY B 250 13.47 40.18 -20.87
CA GLY B 250 13.64 38.94 -20.14
C GLY B 250 14.98 38.84 -19.48
N ALA B 251 15.02 38.00 -18.44
CA ALA B 251 16.24 37.64 -17.75
C ALA B 251 16.18 36.16 -17.45
N HIS B 252 17.25 35.61 -16.88
CA HIS B 252 17.29 34.18 -16.60
C HIS B 252 18.28 33.83 -15.50
N ARG B 253 18.01 32.73 -14.83
CA ARG B 253 18.92 32.14 -13.85
C ARG B 253 19.16 30.71 -14.31
N ASP B 254 20.40 30.37 -14.66
CA ASP B 254 20.74 29.05 -15.15
C ASP B 254 21.50 28.26 -14.10
N ILE B 255 21.04 27.06 -13.78
CA ILE B 255 21.68 26.22 -12.77
C ILE B 255 21.90 24.79 -13.23
N LEU B 256 22.79 24.09 -12.55
CA LEU B 256 22.94 22.66 -12.69
C LEU B 256 22.79 22.03 -11.31
N LEU B 257 21.81 21.15 -11.18
CA LEU B 257 21.68 20.34 -9.98
C LEU B 257 22.40 19.03 -10.19
N VAL B 258 23.08 18.58 -9.15
CA VAL B 258 23.66 17.25 -9.12
C VAL B 258 23.17 16.56 -7.85
N THR B 259 22.28 15.57 -8.05
CA THR B 259 21.64 14.87 -6.96
C THR B 259 22.39 13.59 -6.66
N PHE B 260 22.30 13.12 -5.43
CA PHE B 260 22.80 11.81 -5.04
C PHE B 260 21.72 11.08 -4.25
N SER B 261 21.46 9.84 -4.64
CA SER B 261 20.43 9.03 -3.99
C SER B 261 20.66 7.55 -4.26
N ASN B 262 19.95 6.70 -3.53
CA ASN B 262 20.04 5.26 -3.71
C ASN B 262 18.95 4.74 -4.64
N ARG B 263 19.03 3.45 -4.88
CA ARG B 263 18.13 2.75 -5.77
C ARG B 263 17.85 1.39 -5.17
N MET C 35 5.55 -15.94 -32.97
CA MET C 35 5.18 -15.29 -31.68
C MET C 35 3.72 -15.50 -31.33
N SER C 36 2.83 -15.15 -32.26
CA SER C 36 1.39 -15.34 -32.06
C SER C 36 1.02 -16.82 -31.82
N ASN C 37 1.84 -17.72 -32.38
CA ASN C 37 1.75 -19.15 -32.09
C ASN C 37 1.75 -19.45 -30.59
N TYR C 38 2.76 -18.91 -29.90
CA TYR C 38 2.93 -19.12 -28.47
C TYR C 38 1.85 -18.43 -27.64
N ALA C 39 1.46 -17.24 -28.06
CA ALA C 39 0.39 -16.51 -27.39
C ALA C 39 -0.97 -17.20 -27.55
N SER C 40 -1.19 -17.84 -28.70
CA SER C 40 -2.41 -18.63 -28.93
C SER C 40 -2.46 -19.86 -28.05
N PHE C 41 -1.35 -20.60 -28.03
CA PHE C 41 -1.21 -21.77 -27.18
C PHE C 41 -1.47 -21.39 -25.72
N LEU C 42 -0.87 -20.27 -25.30
CA LEU C 42 -1.05 -19.73 -23.96
C LEU C 42 -2.51 -19.43 -23.63
N LYS C 43 -3.19 -18.77 -24.56
CA LYS C 43 -4.59 -18.39 -24.37
C LYS C 43 -5.50 -19.59 -24.16
N GLU C 44 -5.24 -20.68 -24.87
CA GLU C 44 -6.10 -21.87 -24.77
C GLU C 44 -5.70 -22.75 -23.60
N ASN C 45 -4.43 -23.13 -23.55
CA ASN C 45 -3.94 -24.03 -22.50
C ASN C 45 -3.65 -23.38 -21.14
N GLY C 46 -3.46 -22.06 -21.11
CA GLY C 46 -3.11 -21.36 -19.87
C GLY C 46 -1.63 -21.41 -19.54
N TYR C 47 -0.81 -21.86 -20.50
CA TYR C 47 0.63 -21.96 -20.34
C TYR C 47 1.25 -22.21 -21.70
N SER C 48 2.55 -21.96 -21.84
CA SER C 48 3.22 -22.17 -23.13
C SER C 48 4.72 -22.33 -23.05
N TYR C 49 5.25 -23.42 -23.58
CA TYR C 49 6.68 -23.59 -23.69
C TYR C 49 7.19 -22.76 -24.85
N ILE C 50 8.25 -22.00 -24.60
CA ILE C 50 8.86 -21.15 -25.61
C ILE C 50 10.36 -21.45 -25.65
N PRO C 51 10.88 -21.94 -26.79
CA PRO C 51 12.27 -22.34 -26.87
C PRO C 51 13.23 -21.16 -26.86
N ALA C 52 14.47 -21.43 -26.48
CA ALA C 52 15.51 -20.39 -26.37
C ALA C 52 15.73 -19.63 -27.67
N ASP C 53 15.59 -20.33 -28.80
CA ASP C 53 15.71 -19.70 -30.11
C ASP C 53 14.99 -18.37 -30.20
N PHE C 54 13.75 -18.35 -29.75
CA PHE C 54 12.90 -17.19 -29.82
C PHE C 54 13.50 -15.96 -29.12
N TYR C 55 14.36 -16.17 -28.13
CA TYR C 55 15.04 -15.09 -27.41
C TYR C 55 16.51 -14.95 -27.77
N GLN C 56 17.22 -16.08 -27.94
CA GLN C 56 18.66 -15.97 -28.29
C GLN C 56 18.90 -15.57 -29.76
N GLN C 57 17.85 -15.09 -30.41
CA GLN C 57 17.76 -15.07 -31.88
C GLN C 57 19.03 -14.61 -32.56
N LYS C 58 19.58 -13.48 -32.12
CA LYS C 58 20.83 -12.93 -32.69
C LYS C 58 21.90 -12.75 -31.62
N ASN C 59 21.61 -13.10 -30.37
CA ASN C 59 22.53 -12.88 -29.25
C ASN C 59 23.55 -13.99 -29.10
N THR C 60 24.82 -13.59 -28.95
CA THR C 60 25.89 -14.54 -28.75
C THR C 60 25.78 -15.12 -27.34
N ASP C 61 26.40 -16.27 -27.16
CA ASP C 61 26.41 -16.96 -25.86
C ASP C 61 27.21 -16.17 -24.84
N ALA C 62 28.27 -15.50 -25.30
CA ALA C 62 29.09 -14.66 -24.44
C ALA C 62 28.27 -13.52 -23.81
N ALA C 63 27.32 -12.98 -24.58
CA ALA C 63 26.41 -11.94 -24.08
C ALA C 63 25.45 -12.50 -23.04
N VAL C 64 24.95 -13.71 -23.27
CA VAL C 64 24.07 -14.39 -22.33
C VAL C 64 24.85 -14.79 -21.06
N ARG C 65 26.12 -15.12 -21.23
CA ARG C 65 26.96 -15.52 -20.11
C ARG C 65 27.27 -14.37 -19.15
N GLU C 66 27.33 -13.15 -19.67
CA GLU C 66 27.53 -11.97 -18.82
C GLU C 66 26.41 -11.88 -17.81
N LEU C 67 25.17 -11.98 -18.29
CA LEU C 67 23.99 -11.99 -17.44
C LEU C 67 24.04 -13.13 -16.42
N GLN C 68 24.41 -14.32 -16.88
CA GLN C 68 24.50 -15.48 -15.99
C GLN C 68 25.34 -15.21 -14.75
N LEU C 69 26.42 -14.44 -14.92
CA LEU C 69 27.36 -14.19 -13.82
C LEU C 69 26.80 -13.25 -12.77
N THR C 70 25.87 -12.37 -13.16
CA THR C 70 25.24 -11.47 -12.19
C THR C 70 24.57 -12.25 -11.05
N TYR C 71 24.13 -13.47 -11.36
CA TYR C 71 23.48 -14.34 -10.37
C TYR C 71 24.33 -14.65 -9.14
N GLU C 72 25.65 -14.55 -9.28
CA GLU C 72 26.55 -14.86 -8.16
C GLU C 72 26.48 -13.78 -7.06
N ASP C 73 26.06 -12.57 -7.42
CA ASP C 73 25.98 -11.45 -6.47
C ASP C 73 24.65 -11.31 -5.73
N LEU C 74 23.63 -12.09 -6.12
CA LEU C 74 22.30 -11.93 -5.54
C LEU C 74 22.29 -12.22 -4.04
N LYS C 75 21.50 -11.48 -3.29
CA LYS C 75 21.43 -11.66 -1.83
C LYS C 75 20.30 -12.59 -1.45
N ALA C 76 20.42 -13.18 -0.26
CA ALA C 76 19.47 -14.17 0.23
C ALA C 76 18.05 -13.60 0.29
N ASP C 77 17.07 -14.40 -0.12
CA ASP C 77 15.66 -14.11 0.11
C ASP C 77 15.43 -14.20 1.61
N PRO C 78 14.93 -13.11 2.23
CA PRO C 78 14.62 -13.09 3.66
C PRO C 78 13.88 -14.33 4.16
N LYS C 79 12.83 -14.74 3.45
CA LYS C 79 12.01 -15.90 3.86
C LYS C 79 12.70 -17.26 3.62
N GLY C 80 13.85 -17.26 2.94
CA GLY C 80 14.73 -18.43 2.90
C GLY C 80 14.58 -19.31 1.68
N GLY C 81 14.36 -20.60 1.90
CA GLY C 81 14.22 -21.60 0.84
C GLY C 81 15.41 -21.69 -0.12
N GLY C 82 16.59 -21.33 0.35
CA GLY C 82 17.79 -21.34 -0.49
C GLY C 82 17.76 -20.39 -1.67
N ARG C 83 16.85 -19.42 -1.64
CA ARG C 83 16.64 -18.53 -2.77
C ARG C 83 17.49 -17.28 -2.62
N TYR C 84 17.93 -16.73 -3.75
CA TYR C 84 18.69 -15.49 -3.79
C TYR C 84 18.08 -14.62 -4.88
N ARG C 85 17.74 -13.38 -4.54
CA ARG C 85 16.84 -12.58 -5.34
C ARG C 85 17.25 -11.14 -5.57
N ALA C 86 16.64 -10.58 -6.60
CA ALA C 86 16.44 -9.15 -6.75
C ALA C 86 15.07 -8.97 -7.39
N HIS C 87 14.49 -7.80 -7.19
CA HIS C 87 13.24 -7.43 -7.82
C HIS C 87 13.32 -6.00 -8.31
N SER C 88 12.78 -5.76 -9.49
CA SER C 88 12.59 -4.43 -10.00
C SER C 88 11.34 -4.47 -10.85
N ARG C 89 10.58 -3.38 -10.89
CA ARG C 89 9.41 -3.34 -11.72
C ARG C 89 9.42 -2.08 -12.58
N TYR C 90 8.82 -2.19 -13.76
CA TYR C 90 8.61 -1.06 -14.64
C TYR C 90 7.12 -0.81 -14.72
N ILE C 91 6.75 0.41 -15.10
CA ILE C 91 5.36 0.79 -15.32
C ILE C 91 5.15 1.11 -16.78
N LEU C 92 4.05 0.62 -17.34
CA LEU C 92 3.64 0.95 -18.70
C LEU C 92 2.37 1.78 -18.70
N ALA C 93 2.52 3.08 -18.93
CA ALA C 93 1.38 3.96 -19.11
C ALA C 93 0.54 3.50 -20.31
N PRO C 94 -0.79 3.64 -20.24
CA PRO C 94 -1.73 3.01 -21.18
C PRO C 94 -1.33 2.98 -22.66
N GLN C 95 -1.11 4.14 -23.28
CA GLN C 95 -0.69 4.17 -24.70
C GLN C 95 0.78 4.56 -24.81
N SER C 96 1.61 3.86 -24.07
CA SER C 96 3.05 4.13 -24.05
C SER C 96 3.83 2.84 -24.23
N ASP C 97 5.01 2.95 -24.82
CA ASP C 97 5.98 1.85 -24.86
C ASP C 97 7.18 2.13 -23.97
N THR C 98 7.16 3.27 -23.29
CA THR C 98 8.24 3.63 -22.38
C THR C 98 8.00 2.92 -21.06
N LEU C 99 8.88 1.95 -20.78
CA LEU C 99 8.96 1.33 -19.47
C LEU C 99 9.59 2.36 -18.54
N GLU C 100 8.87 2.71 -17.47
CA GLU C 100 9.39 3.64 -16.49
C GLU C 100 9.70 2.90 -15.19
N LEU C 101 10.99 2.79 -14.87
CA LEU C 101 11.43 2.04 -13.69
C LEU C 101 10.88 2.63 -12.39
N ASP C 102 10.16 1.81 -11.64
CA ASP C 102 9.56 2.21 -10.36
C ASP C 102 10.66 2.28 -9.29
N PRO C 103 10.78 3.44 -8.62
CA PRO C 103 11.79 3.55 -7.54
C PRO C 103 11.44 2.76 -6.28
N ASP C 104 10.16 2.42 -6.09
CA ASP C 104 9.77 1.54 -4.97
C ASP C 104 9.99 0.08 -5.35
N ASN C 105 10.36 -0.71 -4.36
CA ASN C 105 10.82 -2.07 -4.58
C ASN C 105 10.08 -3.16 -3.78
N GLY C 106 9.22 -2.77 -2.85
CA GLY C 106 8.51 -3.73 -2.02
C GLY C 106 7.71 -4.68 -2.89
N TYR C 107 7.77 -5.97 -2.57
CA TYR C 107 7.02 -6.97 -3.32
C TYR C 107 5.96 -7.60 -2.45
N PHE C 108 4.73 -7.63 -2.97
CA PHE C 108 3.60 -8.15 -2.24
C PHE C 108 2.78 -9.09 -3.12
N GLN C 109 2.32 -10.18 -2.50
CA GLN C 109 1.32 -11.05 -3.08
C GLN C 109 0.32 -11.31 -1.98
N SER C 110 -0.97 -11.36 -2.32
CA SER C 110 -1.99 -11.66 -1.33
C SER C 110 -1.87 -13.12 -0.88
N LYS C 111 -2.32 -13.40 0.35
CA LYS C 111 -2.39 -14.77 0.85
C LYS C 111 -3.41 -15.59 0.07
N GLU C 112 -4.26 -14.90 -0.68
CA GLU C 112 -5.25 -15.50 -1.56
C GLU C 112 -4.60 -16.29 -2.71
N TYR C 113 -3.32 -16.01 -3.00
CA TYR C 113 -2.58 -16.68 -4.08
C TYR C 113 -1.32 -17.38 -3.58
N ASN C 114 -0.40 -16.61 -2.99
CA ASN C 114 0.81 -17.15 -2.38
C ASN C 114 0.54 -17.48 -0.92
N TYR C 115 0.23 -18.75 -0.66
CA TYR C 115 -0.17 -19.20 0.68
C TYR C 115 0.98 -19.30 1.70
N ASP C 116 2.24 -19.26 1.26
CA ASP C 116 3.37 -19.30 2.19
C ASP C 116 3.74 -17.88 2.63
N ASP C 117 4.32 -17.09 1.74
CA ASP C 117 4.89 -15.79 2.09
C ASP C 117 4.01 -14.60 1.71
N GLY C 118 2.77 -14.87 1.28
CA GLY C 118 1.84 -13.81 0.92
C GLY C 118 1.26 -13.13 2.14
N GLY C 119 0.53 -12.04 1.91
CA GLY C 119 -0.08 -11.28 3.00
C GLY C 119 0.82 -10.21 3.59
N ILE C 120 2.12 -10.29 3.32
CA ILE C 120 3.08 -9.31 3.81
C ILE C 120 3.94 -8.80 2.66
N VAL C 121 4.48 -7.60 2.84
CA VAL C 121 5.36 -7.00 1.85
C VAL C 121 6.78 -7.50 2.08
N ARG C 122 7.44 -7.95 1.02
CA ARG C 122 8.83 -8.41 1.11
C ARG C 122 9.79 -7.42 0.47
N GLU C 123 10.86 -7.10 1.18
CA GLU C 123 11.89 -6.19 0.70
C GLU C 123 13.03 -7.00 0.13
N PHE C 124 13.20 -6.93 -1.17
CA PHE C 124 14.34 -7.55 -1.85
C PHE C 124 15.26 -6.44 -2.32
N ASP C 125 16.45 -6.82 -2.79
CA ASP C 125 17.33 -5.88 -3.46
C ASP C 125 16.77 -5.56 -4.83
N LYS C 126 17.34 -4.56 -5.48
CA LYS C 126 16.94 -4.20 -6.82
C LYS C 126 17.81 -4.93 -7.82
N ILE C 127 17.24 -5.20 -8.99
CA ILE C 127 17.98 -5.87 -10.04
C ILE C 127 19.03 -4.90 -10.58
N SER C 128 20.29 -5.33 -10.55
CA SER C 128 21.41 -4.52 -11.00
C SER C 128 21.13 -3.90 -12.37
N ASN C 129 21.60 -2.67 -12.56
CA ASN C 129 21.48 -1.97 -13.81
C ASN C 129 22.13 -2.75 -14.96
N GLU C 130 23.25 -3.40 -14.66
CA GLU C 130 23.92 -4.25 -15.64
C GLU C 130 22.89 -5.20 -16.25
N PHE C 131 22.13 -5.85 -15.37
CA PHE C 131 21.14 -6.83 -15.78
C PHE C 131 19.97 -6.18 -16.51
N LEU C 132 19.37 -5.17 -15.91
CA LEU C 132 18.19 -4.50 -16.47
C LEU C 132 18.42 -3.94 -17.87
N GLN C 133 19.55 -3.27 -18.07
CA GLN C 133 19.81 -2.52 -19.29
C GLN C 133 20.47 -3.35 -20.37
N HIS C 134 21.00 -4.51 -20.00
CA HIS C 134 21.62 -5.41 -20.95
C HIS C 134 20.71 -5.66 -22.15
N PRO C 135 21.26 -5.65 -23.38
CA PRO C 135 20.40 -5.75 -24.58
C PRO C 135 19.53 -7.01 -24.59
N VAL C 136 20.08 -8.13 -24.15
CA VAL C 136 19.34 -9.39 -24.08
C VAL C 136 18.11 -9.20 -23.21
N THR C 137 18.32 -8.74 -21.98
CA THR C 137 17.22 -8.52 -21.04
C THR C 137 16.15 -7.65 -21.66
N GLN C 138 16.57 -6.53 -22.25
CA GLN C 138 15.63 -5.59 -22.88
C GLN C 138 14.86 -6.21 -24.06
N GLN C 139 15.54 -7.07 -24.81
CA GLN C 139 14.91 -7.75 -25.94
C GLN C 139 13.87 -8.75 -25.45
N MET C 140 14.19 -9.43 -24.36
CA MET C 140 13.28 -10.40 -23.75
C MET C 140 12.03 -9.71 -23.21
N ILE C 141 12.22 -8.58 -22.55
CA ILE C 141 11.11 -7.84 -21.97
C ILE C 141 10.15 -7.38 -23.07
N HIS C 142 10.67 -6.88 -24.18
CA HIS C 142 9.80 -6.37 -25.24
C HIS C 142 9.08 -7.51 -25.99
N SER C 143 9.76 -8.65 -26.17
CA SER C 143 9.12 -9.83 -26.75
C SER C 143 8.00 -10.34 -25.86
N ASN C 144 8.24 -10.35 -24.55
CA ASN C 144 7.20 -10.70 -23.57
C ASN C 144 6.06 -9.72 -23.61
N VAL C 145 6.39 -8.43 -23.65
CA VAL C 145 5.38 -7.37 -23.72
C VAL C 145 4.46 -7.57 -24.92
N GLU C 146 5.05 -7.84 -26.08
CA GLU C 146 4.28 -8.04 -27.31
C GLU C 146 3.33 -9.24 -27.18
N MET C 147 3.87 -10.39 -26.78
CA MET C 147 3.03 -11.56 -26.50
C MET C 147 1.90 -11.20 -25.56
N ALA C 148 2.27 -10.57 -24.44
CA ALA C 148 1.31 -10.20 -23.41
C ALA C 148 0.18 -9.33 -23.98
N ARG C 149 0.53 -8.44 -24.91
CA ARG C 149 -0.46 -7.56 -25.54
C ARG C 149 -1.46 -8.31 -26.43
N GLN C 150 -1.05 -9.45 -26.97
CA GLN C 150 -1.96 -10.31 -27.74
C GLN C 150 -2.89 -11.12 -26.85
N THR C 151 -2.89 -10.84 -25.54
CA THR C 151 -3.78 -11.51 -24.60
C THR C 151 -4.64 -10.52 -23.83
N ASP C 152 -5.77 -11.01 -23.36
CA ASP C 152 -6.66 -10.25 -22.48
C ASP C 152 -6.31 -10.47 -21.01
N PHE C 153 -5.14 -11.06 -20.74
CA PHE C 153 -4.74 -11.41 -19.38
C PHE C 153 -4.58 -10.16 -18.47
N VAL C 154 -4.34 -8.99 -19.05
CA VAL C 154 -4.40 -7.73 -18.30
C VAL C 154 -5.13 -6.64 -19.09
N ASP C 155 -5.61 -5.64 -18.36
CA ASP C 155 -6.31 -4.51 -18.94
C ASP C 155 -5.27 -3.49 -19.40
N TRP C 156 -5.04 -3.45 -20.71
CA TRP C 156 -4.05 -2.55 -21.30
C TRP C 156 -4.53 -1.08 -21.35
N GLU C 157 -5.80 -0.84 -21.03
CA GLU C 157 -6.34 0.50 -20.89
C GLU C 157 -5.72 1.18 -19.67
N LYS C 158 -5.43 0.39 -18.63
CA LYS C 158 -4.85 0.91 -17.40
C LYS C 158 -3.35 0.65 -17.34
N GLU C 159 -2.71 1.27 -16.35
CA GLU C 159 -1.30 1.04 -16.06
C GLU C 159 -1.01 -0.43 -15.92
N VAL C 160 0.07 -0.88 -16.55
CA VAL C 160 0.52 -2.25 -16.45
C VAL C 160 1.86 -2.30 -15.74
N ILE C 161 1.98 -3.18 -14.74
CA ILE C 161 3.22 -3.37 -14.01
C ILE C 161 3.97 -4.57 -14.57
N VAL C 162 5.12 -4.28 -15.16
CA VAL C 162 6.03 -5.30 -15.67
C VAL C 162 7.08 -5.59 -14.59
N GLY C 163 6.83 -6.62 -13.80
CA GLY C 163 7.70 -6.98 -12.68
C GLY C 163 8.75 -7.99 -13.08
N LEU C 164 9.97 -7.79 -12.60
CA LEU C 164 11.09 -8.69 -12.89
C LEU C 164 11.62 -9.31 -11.63
N HIS C 165 11.77 -10.62 -11.60
CA HIS C 165 12.42 -11.29 -10.48
C HIS C 165 13.62 -12.07 -10.97
N GLN C 166 14.81 -11.61 -10.60
CA GLN C 166 16.01 -12.37 -10.81
C GLN C 166 16.16 -13.30 -9.60
N ILE C 167 16.11 -14.60 -9.84
CA ILE C 167 16.12 -15.60 -8.78
C ILE C 167 17.17 -16.67 -9.06
N ARG C 168 17.99 -16.95 -8.06
CA ARG C 168 18.79 -18.16 -8.02
C ARG C 168 18.24 -19.09 -6.96
N TYR C 169 17.87 -20.30 -7.36
CA TYR C 169 17.66 -21.37 -6.40
C TYR C 169 19.04 -22.00 -6.20
N HIS C 170 19.55 -21.91 -4.98
CA HIS C 170 20.88 -22.39 -4.68
C HIS C 170 20.78 -23.60 -3.79
N VAL C 171 21.53 -24.65 -4.09
CA VAL C 171 21.40 -25.90 -3.34
C VAL C 171 22.74 -26.48 -2.91
N THR C 172 22.70 -27.05 -1.71
CA THR C 172 23.87 -27.64 -1.09
C THR C 172 23.35 -28.89 -0.39
N PRO C 173 24.20 -29.90 -0.22
CA PRO C 173 23.74 -31.20 0.29
C PRO C 173 22.82 -31.12 1.51
N ASP C 174 23.04 -30.12 2.37
CA ASP C 174 22.27 -29.97 3.60
C ASP C 174 20.91 -29.30 3.38
N ALA C 175 20.85 -28.43 2.35
CA ALA C 175 19.72 -27.56 2.14
C ALA C 175 19.37 -27.46 0.65
N PRO C 176 18.27 -28.09 0.25
CA PRO C 176 17.71 -27.85 -1.08
C PRO C 176 16.95 -26.54 -1.15
N SER C 177 16.50 -26.20 -2.37
CA SER C 177 15.80 -24.94 -2.62
C SER C 177 14.44 -25.21 -3.26
N TYR C 178 13.50 -24.30 -3.03
CA TYR C 178 12.14 -24.43 -3.54
C TYR C 178 11.45 -23.07 -3.65
N SER C 179 10.31 -23.05 -4.36
CA SER C 179 9.60 -21.81 -4.65
C SER C 179 8.81 -21.29 -3.44
N SER C 180 8.40 -20.04 -3.56
CA SER C 180 7.38 -19.45 -2.71
C SER C 180 6.17 -19.16 -3.61
N PRO C 181 5.05 -19.87 -3.43
CA PRO C 181 4.89 -20.94 -2.47
C PRO C 181 5.47 -22.25 -2.97
N ILE C 182 5.47 -23.23 -2.07
CA ILE C 182 6.25 -24.44 -2.25
C ILE C 182 5.70 -25.39 -3.33
N TRP C 183 4.37 -25.47 -3.42
CA TRP C 183 3.71 -26.46 -4.26
C TRP C 183 2.86 -25.77 -5.32
N LEU C 184 1.81 -26.44 -5.79
CA LEU C 184 0.90 -25.91 -6.81
C LEU C 184 0.22 -24.66 -6.32
N HIS C 185 0.18 -23.65 -7.18
CA HIS C 185 -0.40 -22.38 -6.82
C HIS C 185 -0.74 -21.59 -8.06
N ARG C 186 -1.41 -20.46 -7.83
CA ARG C 186 -1.51 -19.42 -8.84
C ARG C 186 -0.82 -18.21 -8.26
N ASP C 187 -0.31 -17.35 -9.12
CA ASP C 187 0.29 -16.11 -8.68
C ASP C 187 -0.68 -14.96 -8.91
N ASP C 188 -0.57 -13.91 -8.10
CA ASP C 188 -1.37 -12.69 -8.26
C ASP C 188 -1.30 -12.19 -9.68
N GLU C 189 -0.10 -12.25 -10.25
CA GLU C 189 0.15 -11.70 -11.58
C GLU C 189 -0.42 -12.63 -12.66
N PRO C 190 -1.41 -12.13 -13.44
CA PRO C 190 -2.14 -12.93 -14.46
C PRO C 190 -1.26 -13.64 -15.48
N LEU C 191 -0.10 -13.08 -15.77
CA LEU C 191 0.83 -13.66 -16.72
C LEU C 191 2.25 -13.62 -16.16
N VAL C 192 2.90 -14.78 -16.10
CA VAL C 192 4.27 -14.87 -15.60
C VAL C 192 5.14 -15.63 -16.58
N PHE C 193 6.24 -15.01 -16.99
CA PHE C 193 7.23 -15.64 -17.87
C PHE C 193 8.39 -16.17 -17.04
N VAL C 194 8.73 -17.45 -17.25
CA VAL C 194 9.84 -18.10 -16.55
C VAL C 194 10.98 -18.31 -17.53
N HIS C 195 11.98 -17.45 -17.48
CA HIS C 195 13.17 -17.61 -18.30
C HIS C 195 14.25 -18.31 -17.50
N LEU C 196 14.75 -19.42 -18.01
CA LEU C 196 15.89 -20.07 -17.40
C LEU C 196 17.15 -19.39 -17.88
N PHE C 197 18.09 -19.14 -16.97
CA PHE C 197 19.40 -18.60 -17.34
C PHE C 197 20.53 -19.62 -17.15
N LYS C 198 20.47 -20.42 -16.09
CA LYS C 198 21.41 -21.53 -15.93
C LYS C 198 20.81 -22.65 -15.09
N LEU C 199 21.21 -23.88 -15.39
CA LEU C 199 20.91 -25.06 -14.59
C LEU C 199 22.14 -25.99 -14.51
N SER C 200 22.78 -26.04 -13.34
CA SER C 200 24.00 -26.82 -13.16
C SER C 200 23.80 -28.27 -13.56
N GLU C 201 24.78 -28.81 -14.28
CA GLU C 201 24.70 -30.17 -14.80
C GLU C 201 24.43 -31.25 -13.75
N ASP C 202 24.80 -30.98 -12.50
CA ASP C 202 24.51 -31.90 -11.39
C ASP C 202 23.35 -31.42 -10.48
N ALA C 203 22.31 -30.85 -11.10
CA ALA C 203 21.13 -30.36 -10.35
C ALA C 203 19.90 -31.22 -10.62
N ILE C 204 19.14 -31.55 -9.59
CA ILE C 204 17.93 -32.34 -9.73
C ILE C 204 16.74 -31.44 -9.41
N GLY C 205 15.56 -31.81 -9.90
CA GLY C 205 14.37 -31.04 -9.65
C GLY C 205 14.33 -29.83 -10.56
N GLY C 206 13.50 -28.86 -10.21
CA GLY C 206 13.29 -27.73 -11.11
C GLY C 206 12.46 -28.12 -12.34
N ASP C 207 11.71 -29.23 -12.20
CA ASP C 207 10.70 -29.59 -13.19
C ASP C 207 9.57 -28.62 -12.90
N ASN C 208 9.03 -28.00 -13.95
CA ASN C 208 7.83 -27.20 -13.83
C ASN C 208 6.63 -28.09 -14.06
N LEU C 209 5.59 -27.90 -13.24
CA LEU C 209 4.38 -28.70 -13.34
C LEU C 209 3.23 -27.81 -13.72
N ILE C 210 2.37 -28.30 -14.62
CA ILE C 210 1.13 -27.62 -15.00
C ILE C 210 -0.03 -28.56 -14.61
N ALA C 211 -1.05 -28.02 -13.96
CA ALA C 211 -2.10 -28.82 -13.37
C ALA C 211 -3.45 -28.10 -13.39
N PRO C 212 -4.53 -28.82 -13.75
CA PRO C 212 -5.88 -28.27 -13.74
C PRO C 212 -6.48 -28.27 -12.35
N SER C 213 -5.98 -29.14 -11.47
CA SER C 213 -6.39 -29.18 -10.08
C SER C 213 -5.20 -29.62 -9.26
N VAL C 214 -5.41 -29.76 -7.96
CA VAL C 214 -4.37 -30.25 -7.05
C VAL C 214 -4.39 -31.78 -6.92
N LYS C 215 -5.31 -32.43 -7.61
CA LYS C 215 -5.40 -33.91 -7.60
C LYS C 215 -4.77 -34.52 -8.86
N GLN C 216 -4.40 -33.69 -9.83
CA GLN C 216 -3.95 -34.20 -11.11
C GLN C 216 -2.95 -33.26 -11.77
N ILE C 217 -2.03 -33.84 -12.52
CA ILE C 217 -1.00 -33.08 -13.21
C ILE C 217 -1.03 -33.41 -14.70
N ASP C 218 -1.19 -32.37 -15.52
CA ASP C 218 -1.31 -32.51 -16.97
C ASP C 218 0.03 -32.44 -17.69
N LYS C 219 0.91 -31.57 -17.22
CA LYS C 219 2.21 -31.39 -17.86
C LYS C 219 3.36 -31.38 -16.86
N VAL C 220 4.38 -32.18 -17.18
CA VAL C 220 5.69 -32.08 -16.55
C VAL C 220 6.64 -31.67 -17.65
N LEU C 221 7.62 -30.84 -17.30
CA LEU C 221 8.37 -30.10 -18.28
C LEU C 221 9.51 -29.44 -17.52
N ARG C 222 10.74 -29.61 -18.02
CA ARG C 222 11.93 -29.16 -17.30
C ARG C 222 12.82 -28.28 -18.17
N LEU C 223 12.96 -27.01 -17.76
CA LEU C 223 13.81 -26.09 -18.50
C LEU C 223 15.26 -26.36 -18.14
N THR C 224 16.12 -26.53 -19.16
CA THR C 224 17.54 -26.88 -18.97
C THR C 224 18.56 -25.99 -19.69
N ASP C 225 18.25 -25.55 -20.89
CA ASP C 225 19.15 -24.69 -21.68
C ASP C 225 18.78 -23.22 -21.51
N PRO C 226 19.80 -22.33 -21.44
CA PRO C 226 19.60 -20.90 -21.26
C PRO C 226 18.56 -20.26 -22.16
N LEU C 227 17.68 -19.48 -21.55
CA LEU C 227 16.57 -18.76 -22.21
C LEU C 227 15.39 -19.62 -22.63
N GLU C 228 15.42 -20.92 -22.35
CA GLU C 228 14.22 -21.75 -22.45
C GLU C 228 13.20 -21.14 -21.50
N THR C 229 12.00 -20.90 -22.01
CA THR C 229 11.01 -20.11 -21.30
C THR C 229 9.71 -20.88 -21.15
N LEU C 230 8.93 -20.49 -20.14
CA LEU C 230 7.60 -21.02 -19.91
C LEU C 230 6.69 -19.90 -19.46
N ALA C 231 5.67 -19.59 -20.25
CA ALA C 231 4.67 -18.59 -19.89
C ALA C 231 3.54 -19.27 -19.10
N LEU C 232 2.97 -18.55 -18.14
CA LEU C 232 1.98 -19.13 -17.24
C LEU C 232 0.82 -18.17 -16.97
N GLY C 233 -0.38 -18.58 -17.34
CA GLY C 233 -1.58 -17.80 -17.08
C GLY C 233 -2.26 -18.29 -15.84
N GLN C 234 -3.15 -17.47 -15.26
CA GLN C 234 -3.85 -17.85 -14.05
C GLN C 234 -4.84 -19.01 -14.25
N LYS C 235 -5.16 -19.34 -15.50
CA LYS C 235 -6.08 -20.43 -15.79
C LYS C 235 -5.74 -21.71 -15.02
N VAL C 236 -4.47 -22.10 -15.04
CA VAL C 236 -4.01 -23.37 -14.44
C VAL C 236 -3.32 -23.20 -13.09
N PHE C 237 -2.97 -24.33 -12.47
CA PHE C 237 -2.03 -24.33 -11.35
C PHE C 237 -0.66 -24.65 -11.88
N HIS C 238 0.36 -24.04 -11.31
CA HIS C 238 1.73 -24.38 -11.65
C HIS C 238 2.56 -24.54 -10.39
N ALA C 239 3.67 -25.24 -10.53
CA ALA C 239 4.63 -25.38 -9.45
C ALA C 239 6.01 -25.52 -10.05
N VAL C 240 7.00 -25.59 -9.17
CA VAL C 240 8.31 -26.01 -9.56
C VAL C 240 8.79 -27.00 -8.51
N THR C 241 9.19 -28.18 -8.97
CA THR C 241 9.60 -29.21 -8.05
C THR C 241 10.89 -28.72 -7.43
N PRO C 242 11.08 -28.98 -6.13
CA PRO C 242 12.26 -28.52 -5.43
C PRO C 242 13.54 -28.90 -6.15
N VAL C 243 14.50 -27.98 -6.11
CA VAL C 243 15.82 -28.21 -6.65
C VAL C 243 16.71 -28.79 -5.55
N GLY C 244 17.53 -29.77 -5.92
CA GLY C 244 18.54 -30.36 -5.03
C GLY C 244 19.73 -30.76 -5.88
N THR C 245 20.61 -31.64 -5.39
CA THR C 245 21.80 -31.91 -6.19
C THR C 245 22.33 -33.32 -6.16
N ALA C 246 22.72 -33.76 -7.36
CA ALA C 246 23.34 -35.07 -7.56
C ALA C 246 24.77 -35.03 -7.05
N ASN C 247 25.47 -33.97 -7.41
CA ASN C 247 26.88 -33.80 -7.01
C ASN C 247 26.99 -33.15 -5.65
N ILE C 248 27.93 -33.63 -4.82
CA ILE C 248 28.17 -33.10 -3.46
C ILE C 248 28.69 -31.65 -3.41
N ASP C 249 29.26 -31.16 -4.51
CA ASP C 249 29.69 -29.77 -4.65
C ASP C 249 28.55 -28.75 -4.77
N GLY C 250 27.31 -29.20 -4.86
CA GLY C 250 26.14 -28.32 -4.87
C GLY C 250 25.74 -27.96 -6.28
N ALA C 251 24.83 -27.01 -6.44
CA ALA C 251 24.30 -26.71 -7.75
C ALA C 251 23.38 -25.50 -7.67
N HIS C 252 22.86 -25.05 -8.79
CA HIS C 252 21.96 -23.91 -8.81
C HIS C 252 21.07 -23.91 -10.05
N ARG C 253 19.91 -23.29 -9.92
CA ARG C 253 19.00 -23.03 -11.02
C ARG C 253 18.75 -21.53 -11.03
N ASP C 254 19.16 -20.85 -12.09
CA ASP C 254 19.01 -19.39 -12.20
C ASP C 254 17.92 -19.03 -13.18
N ILE C 255 16.96 -18.22 -12.75
CA ILE C 255 15.84 -17.83 -13.60
C ILE C 255 15.59 -16.33 -13.59
N LEU C 256 14.86 -15.87 -14.60
CA LEU C 256 14.30 -14.53 -14.60
C LEU C 256 12.82 -14.65 -14.81
N LEU C 257 12.04 -14.13 -13.86
CA LEU C 257 10.61 -14.00 -14.03
C LEU C 257 10.30 -12.63 -14.59
N VAL C 258 9.35 -12.59 -15.51
CA VAL C 258 8.79 -11.34 -15.99
C VAL C 258 7.27 -11.42 -15.81
N THR C 259 6.76 -10.65 -14.86
CA THR C 259 5.34 -10.68 -14.50
C THR C 259 4.63 -9.56 -15.23
N PHE C 260 3.33 -9.75 -15.47
CA PHE C 260 2.47 -8.69 -16.00
C PHE C 260 1.21 -8.62 -15.15
N SER C 261 0.85 -7.41 -14.72
CA SER C 261 -0.33 -7.22 -13.87
C SER C 261 -0.78 -5.77 -13.92
N ASN C 262 -1.98 -5.51 -13.42
CA ASN C 262 -2.54 -4.17 -13.35
C ASN C 262 -2.30 -3.57 -11.96
N ARG C 263 -2.92 -2.42 -11.69
CA ARG C 263 -2.90 -1.86 -10.34
C ARG C 263 -4.26 -1.99 -9.66
N MET D 35 -6.40 -21.85 34.96
CA MET D 35 -5.98 -21.71 33.54
C MET D 35 -4.82 -22.61 33.20
N SER D 36 -3.73 -22.54 33.98
CA SER D 36 -2.55 -23.38 33.76
C SER D 36 -2.88 -24.87 33.84
N ASN D 37 -3.91 -25.21 34.62
CA ASN D 37 -4.44 -26.58 34.67
C ASN D 37 -4.82 -27.10 33.29
N TYR D 38 -5.61 -26.32 32.56
CA TYR D 38 -6.06 -26.68 31.21
C TYR D 38 -4.91 -26.70 30.21
N ALA D 39 -4.00 -25.74 30.31
CA ALA D 39 -2.84 -25.68 29.44
C ALA D 39 -1.88 -26.84 29.68
N SER D 40 -1.77 -27.31 30.93
CA SER D 40 -0.95 -28.47 31.26
C SER D 40 -1.55 -29.74 30.68
N PHE D 41 -2.85 -29.91 30.89
CA PHE D 41 -3.59 -31.03 30.33
C PHE D 41 -3.42 -31.07 28.81
N LEU D 42 -3.56 -29.91 28.18
CA LEU D 42 -3.38 -29.76 26.74
C LEU D 42 -1.98 -30.18 26.27
N LYS D 43 -0.96 -29.73 27.00
CA LYS D 43 0.42 -30.03 26.65
C LYS D 43 0.72 -31.52 26.66
N GLU D 44 0.14 -32.25 27.63
CA GLU D 44 0.41 -33.68 27.76
C GLU D 44 -0.49 -34.51 26.87
N ASN D 45 -1.79 -34.29 26.95
CA ASN D 45 -2.77 -35.06 26.16
C ASN D 45 -2.95 -34.63 24.71
N GLY D 46 -2.56 -33.40 24.38
CA GLY D 46 -2.81 -32.84 23.05
C GLY D 46 -4.23 -32.34 22.82
N TYR D 47 -4.99 -32.18 23.90
CA TYR D 47 -6.35 -31.66 23.83
C TYR D 47 -6.81 -31.33 25.23
N SER D 48 -7.85 -30.52 25.36
CA SER D 48 -8.36 -30.17 26.70
C SER D 48 -9.79 -29.63 26.64
N TYR D 49 -10.69 -30.24 27.42
CA TYR D 49 -12.04 -29.70 27.58
C TYR D 49 -11.97 -28.54 28.55
N ILE D 50 -12.59 -27.43 28.16
CA ILE D 50 -12.63 -26.23 28.99
C ILE D 50 -14.09 -25.82 29.14
N PRO D 51 -14.60 -25.81 30.38
CA PRO D 51 -16.01 -25.50 30.62
C PRO D 51 -16.34 -24.02 30.35
N ALA D 52 -17.61 -23.73 30.10
CA ALA D 52 -18.06 -22.37 29.82
C ALA D 52 -17.73 -21.43 30.99
N ASP D 53 -17.75 -21.94 32.22
CA ASP D 53 -17.31 -21.20 33.42
C ASP D 53 -16.13 -20.29 33.15
N PHE D 54 -15.09 -20.90 32.62
CA PHE D 54 -13.81 -20.26 32.41
C PHE D 54 -13.89 -19.02 31.51
N TYR D 55 -14.89 -18.98 30.63
CA TYR D 55 -15.12 -17.81 29.76
C TYR D 55 -16.33 -16.96 30.19
N GLN D 56 -17.42 -17.62 30.59
CA GLN D 56 -18.67 -16.95 30.94
C GLN D 56 -18.60 -16.27 32.31
N GLN D 57 -17.64 -16.68 33.14
CA GLN D 57 -17.44 -16.10 34.48
C GLN D 57 -17.74 -14.60 34.56
N LYS D 58 -17.32 -13.86 33.53
CA LYS D 58 -17.34 -12.42 33.50
C LYS D 58 -18.37 -11.78 32.56
N ASN D 59 -19.24 -12.59 31.94
CA ASN D 59 -20.13 -12.11 30.88
C ASN D 59 -21.58 -12.50 31.08
N THR D 60 -22.51 -11.56 30.91
CA THR D 60 -23.94 -11.88 30.99
C THR D 60 -24.33 -12.68 29.75
N ASP D 61 -25.44 -13.40 29.86
CA ASP D 61 -25.96 -14.21 28.76
C ASP D 61 -26.46 -13.31 27.64
N ALA D 62 -27.01 -12.16 28.00
CA ALA D 62 -27.48 -11.17 27.03
C ALA D 62 -26.36 -10.71 26.10
N ALA D 63 -25.16 -10.55 26.67
CA ALA D 63 -23.97 -10.18 25.90
C ALA D 63 -23.56 -11.30 24.95
N VAL D 64 -23.62 -12.53 25.43
CA VAL D 64 -23.30 -13.70 24.60
C VAL D 64 -24.37 -13.90 23.52
N ARG D 65 -25.60 -13.55 23.83
CA ARG D 65 -26.71 -13.70 22.88
C ARG D 65 -26.59 -12.74 21.69
N GLU D 66 -26.03 -11.56 21.92
CA GLU D 66 -25.79 -10.60 20.84
C GLU D 66 -24.91 -11.24 19.78
N LEU D 67 -23.80 -11.82 20.22
CA LEU D 67 -22.89 -12.54 19.34
C LEU D 67 -23.58 -13.69 18.61
N GLN D 68 -24.39 -14.45 19.33
CA GLN D 68 -25.13 -15.55 18.73
C GLN D 68 -25.93 -15.13 17.50
N LEU D 69 -26.50 -13.94 17.53
CA LEU D 69 -27.34 -13.45 16.44
C LEU D 69 -26.55 -13.10 15.18
N THR D 70 -25.29 -12.73 15.33
CA THR D 70 -24.44 -12.42 14.16
C THR D 70 -24.37 -13.62 13.22
N TYR D 71 -24.52 -14.83 13.77
CA TYR D 71 -24.47 -16.07 12.98
C TYR D 71 -25.54 -16.14 11.89
N GLU D 72 -26.62 -15.40 12.03
CA GLU D 72 -27.71 -15.41 11.04
C GLU D 72 -27.29 -14.73 9.73
N ASP D 73 -26.30 -13.83 9.79
CA ASP D 73 -25.84 -13.09 8.62
C ASP D 73 -24.71 -13.76 7.83
N LEU D 74 -24.14 -14.84 8.34
CA LEU D 74 -22.98 -15.48 7.71
C LEU D 74 -23.34 -16.00 6.32
N LYS D 75 -22.41 -15.90 5.38
CA LYS D 75 -22.65 -16.35 4.01
C LYS D 75 -22.14 -17.78 3.83
N ALA D 76 -22.68 -18.44 2.81
CA ALA D 76 -22.37 -19.83 2.54
C ALA D 76 -20.88 -20.04 2.29
N ASP D 77 -20.33 -21.12 2.85
CA ASP D 77 -18.99 -21.60 2.53
C ASP D 77 -19.02 -22.07 1.08
N PRO D 78 -18.15 -21.49 0.23
CA PRO D 78 -18.06 -21.88 -1.18
C PRO D 78 -18.07 -23.39 -1.41
N LYS D 79 -17.25 -24.13 -0.66
CA LYS D 79 -17.15 -25.59 -0.82
C LYS D 79 -18.36 -26.36 -0.27
N GLY D 80 -19.27 -25.67 0.42
CA GLY D 80 -20.59 -26.22 0.72
C GLY D 80 -20.74 -26.82 2.11
N GLY D 81 -21.20 -28.08 2.17
CA GLY D 81 -21.36 -28.78 3.44
C GLY D 81 -22.32 -28.14 4.42
N GLY D 82 -23.25 -27.33 3.93
CA GLY D 82 -24.19 -26.61 4.79
C GLY D 82 -23.56 -25.60 5.73
N ARG D 83 -22.32 -25.22 5.44
CA ARG D 83 -21.55 -24.37 6.34
C ARG D 83 -21.73 -22.91 5.94
N TYR D 84 -21.69 -22.03 6.94
CA TYR D 84 -21.76 -20.59 6.73
C TYR D 84 -20.67 -19.95 7.56
N ARG D 85 -19.83 -19.14 6.92
CA ARG D 85 -18.56 -18.74 7.50
C ARG D 85 -18.21 -17.28 7.41
N ALA D 86 -17.29 -16.90 8.29
CA ALA D 86 -16.43 -15.75 8.09
C ALA D 86 -15.06 -16.12 8.63
N HIS D 87 -14.04 -15.42 8.14
CA HIS D 87 -12.69 -15.58 8.65
C HIS D 87 -12.05 -14.21 8.79
N SER D 88 -11.30 -14.03 9.87
CA SER D 88 -10.47 -12.88 10.06
C SER D 88 -9.30 -13.35 10.89
N ARG D 89 -8.13 -12.77 10.65
CA ARG D 89 -6.97 -13.12 11.44
C ARG D 89 -6.29 -11.87 11.96
N TYR D 90 -5.67 -12.02 13.12
CA TYR D 90 -4.86 -10.97 13.71
C TYR D 90 -3.42 -11.45 13.71
N ILE D 91 -2.48 -10.49 13.79
CA ILE D 91 -1.07 -10.79 13.88
C ILE D 91 -0.54 -10.33 15.24
N LEU D 92 0.28 -11.16 15.86
CA LEU D 92 0.95 -10.80 17.12
C LEU D 92 2.44 -10.69 16.89
N ALA D 93 2.94 -9.45 16.83
CA ALA D 93 4.37 -9.21 16.75
C ALA D 93 5.07 -9.78 17.99
N PRO D 94 6.30 -10.30 17.84
CA PRO D 94 6.97 -11.11 18.87
C PRO D 94 6.81 -10.64 20.33
N GLN D 95 7.22 -9.41 20.65
CA GLN D 95 7.10 -8.90 22.03
C GLN D 95 5.97 -7.88 22.13
N SER D 96 4.81 -8.24 21.60
CA SER D 96 3.66 -7.34 21.55
C SER D 96 2.41 -8.05 22.05
N ASP D 97 1.49 -7.28 22.62
CA ASP D 97 0.14 -7.75 22.93
C ASP D 97 -0.90 -7.09 22.03
N THR D 98 -0.44 -6.28 21.09
CA THR D 98 -1.33 -5.63 20.14
C THR D 98 -1.66 -6.62 19.02
N LEU D 99 -2.90 -7.06 19.00
CA LEU D 99 -3.45 -7.78 17.87
C LEU D 99 -3.62 -6.78 16.74
N GLU D 100 -2.98 -7.05 15.60
CA GLU D 100 -3.13 -6.19 14.42
C GLU D 100 -3.92 -6.94 13.35
N LEU D 101 -5.15 -6.49 13.09
CA LEU D 101 -6.04 -7.15 12.12
C LEU D 101 -5.46 -7.16 10.71
N ASP D 102 -5.30 -8.36 10.15
CA ASP D 102 -4.76 -8.54 8.80
C ASP D 102 -5.82 -8.16 7.76
N PRO D 103 -5.48 -7.24 6.84
CA PRO D 103 -6.43 -6.87 5.78
C PRO D 103 -6.64 -7.96 4.72
N ASP D 104 -5.71 -8.90 4.58
CA ASP D 104 -5.91 -10.05 3.70
C ASP D 104 -6.73 -11.12 4.39
N ASN D 105 -7.55 -11.82 3.61
CA ASN D 105 -8.54 -12.76 4.14
C ASN D 105 -8.48 -14.19 3.61
N GLY D 106 -7.66 -14.44 2.59
CA GLY D 106 -7.55 -15.77 1.99
C GLY D 106 -7.17 -16.80 3.04
N TYR D 107 -7.86 -17.95 3.03
CA TYR D 107 -7.59 -19.01 3.98
C TYR D 107 -7.07 -20.24 3.27
N PHE D 108 -5.95 -20.77 3.75
CA PHE D 108 -5.33 -21.94 3.14
C PHE D 108 -4.96 -22.97 4.19
N GLN D 109 -5.16 -24.24 3.86
CA GLN D 109 -4.61 -25.36 4.58
C GLN D 109 -4.05 -26.32 3.54
N SER D 110 -2.91 -26.93 3.83
CA SER D 110 -2.34 -27.91 2.92
C SER D 110 -3.21 -29.16 2.86
N LYS D 111 -3.18 -29.87 1.73
CA LYS D 111 -3.95 -31.12 1.61
C LYS D 111 -3.37 -32.21 2.50
N GLU D 112 -2.17 -31.96 2.99
CA GLU D 112 -1.51 -32.86 3.93
C GLU D 112 -2.21 -32.89 5.31
N TYR D 113 -3.07 -31.91 5.58
CA TYR D 113 -3.85 -31.84 6.81
C TYR D 113 -5.36 -31.87 6.56
N ASN D 114 -5.86 -30.88 5.81
CA ASN D 114 -7.25 -30.86 5.36
C ASN D 114 -7.36 -31.55 4.02
N TYR D 115 -7.73 -32.82 4.05
CA TYR D 115 -7.78 -33.66 2.85
C TYR D 115 -8.94 -33.39 1.90
N ASP D 116 -9.95 -32.65 2.34
CA ASP D 116 -11.08 -32.32 1.49
C ASP D 116 -10.81 -31.03 0.72
N ASP D 117 -10.82 -29.89 1.42
CA ASP D 117 -10.73 -28.58 0.76
C ASP D 117 -9.33 -27.95 0.80
N GLY D 118 -8.34 -28.71 1.25
CA GLY D 118 -6.97 -28.22 1.33
C GLY D 118 -6.31 -28.16 -0.03
N GLY D 119 -5.12 -27.55 -0.06
CA GLY D 119 -4.35 -27.43 -1.28
C GLY D 119 -4.68 -26.20 -2.11
N ILE D 120 -5.81 -25.56 -1.82
CA ILE D 120 -6.22 -24.34 -2.51
C ILE D 120 -6.58 -23.27 -1.49
N VAL D 121 -6.51 -22.02 -1.93
CA VAL D 121 -6.85 -20.88 -1.09
C VAL D 121 -8.36 -20.66 -1.16
N ARG D 122 -9.01 -20.50 -0.01
CA ARG D 122 -10.44 -20.23 0.04
C ARG D 122 -10.71 -18.78 0.44
N GLU D 123 -11.60 -18.14 -0.30
CA GLU D 123 -12.04 -16.78 0.01
C GLU D 123 -13.32 -16.85 0.81
N PHE D 124 -13.26 -16.46 2.07
CA PHE D 124 -14.45 -16.31 2.89
C PHE D 124 -14.72 -14.84 3.12
N ASP D 125 -15.87 -14.52 3.68
CA ASP D 125 -16.15 -13.17 4.13
C ASP D 125 -15.34 -12.89 5.37
N LYS D 126 -15.29 -11.63 5.78
CA LYS D 126 -14.63 -11.25 7.01
C LYS D 126 -15.60 -11.28 8.16
N ILE D 127 -15.07 -11.55 9.35
CA ILE D 127 -15.89 -11.59 10.55
C ILE D 127 -16.31 -10.16 10.86
N SER D 128 -17.62 -9.94 10.96
CA SER D 128 -18.17 -8.61 11.24
C SER D 128 -17.44 -7.96 12.42
N ASN D 129 -17.27 -6.65 12.33
CA ASN D 129 -16.62 -5.92 13.41
C ASN D 129 -17.42 -5.99 14.70
N GLU D 130 -18.74 -6.07 14.59
CA GLU D 130 -19.58 -6.30 15.76
C GLU D 130 -19.05 -7.49 16.54
N PHE D 131 -18.79 -8.58 15.82
CA PHE D 131 -18.29 -9.81 16.43
C PHE D 131 -16.87 -9.66 16.96
N LEU D 132 -15.97 -9.19 16.10
CA LEU D 132 -14.55 -9.06 16.45
C LEU D 132 -14.29 -8.22 17.69
N GLN D 133 -14.97 -7.07 17.76
CA GLN D 133 -14.66 -6.05 18.76
C GLN D 133 -15.47 -6.24 20.04
N HIS D 134 -16.52 -7.05 19.97
CA HIS D 134 -17.35 -7.35 21.13
C HIS D 134 -16.48 -7.79 22.33
N PRO D 135 -16.78 -7.27 23.53
CA PRO D 135 -15.93 -7.56 24.69
C PRO D 135 -15.75 -9.03 24.98
N VAL D 136 -16.82 -9.81 24.82
CA VAL D 136 -16.76 -11.26 25.04
C VAL D 136 -15.70 -11.87 24.13
N THR D 137 -15.84 -11.61 22.83
CA THR D 137 -14.91 -12.13 21.84
C THR D 137 -13.49 -11.79 22.23
N GLN D 138 -13.25 -10.52 22.53
CA GLN D 138 -11.91 -10.03 22.90
C GLN D 138 -11.37 -10.71 24.18
N GLN D 139 -12.26 -10.97 25.13
CA GLN D 139 -11.88 -11.61 26.37
C GLN D 139 -11.49 -13.06 26.12
N MET D 140 -12.23 -13.71 25.24
CA MET D 140 -11.95 -15.11 24.88
C MET D 140 -10.61 -15.23 24.14
N ILE D 141 -10.35 -14.29 23.23
CA ILE D 141 -9.10 -14.28 22.48
C ILE D 141 -7.90 -14.14 23.41
N HIS D 142 -7.99 -13.25 24.39
CA HIS D 142 -6.85 -13.01 25.28
C HIS D 142 -6.65 -14.20 26.26
N SER D 143 -7.74 -14.81 26.70
CA SER D 143 -7.64 -16.02 27.52
C SER D 143 -7.00 -17.17 26.74
N ASN D 144 -7.38 -17.31 25.48
CA ASN D 144 -6.76 -18.29 24.58
C ASN D 144 -5.29 -17.97 24.37
N VAL D 145 -5.00 -16.70 24.12
CA VAL D 145 -3.62 -16.25 23.92
C VAL D 145 -2.75 -16.63 25.10
N GLU D 146 -3.24 -16.37 26.32
CA GLU D 146 -2.49 -16.68 27.54
C GLU D 146 -2.22 -18.17 27.67
N MET D 147 -3.28 -18.99 27.54
CA MET D 147 -3.10 -20.44 27.52
C MET D 147 -2.06 -20.84 26.50
N ALA D 148 -2.23 -20.34 25.28
CA ALA D 148 -1.36 -20.66 24.16
C ALA D 148 0.09 -20.33 24.48
N ARG D 149 0.31 -19.22 25.20
CA ARG D 149 1.67 -18.80 25.59
C ARG D 149 2.34 -19.76 26.58
N GLN D 150 1.53 -20.46 27.39
CA GLN D 150 2.06 -21.47 28.30
C GLN D 150 2.38 -22.79 27.60
N THR D 151 2.32 -22.78 26.27
CA THR D 151 2.67 -23.96 25.47
C THR D 151 3.77 -23.65 24.46
N ASP D 152 4.48 -24.70 24.09
CA ASP D 152 5.49 -24.64 23.03
C ASP D 152 4.87 -24.93 21.66
N PHE D 153 3.54 -24.93 21.57
CA PHE D 153 2.84 -25.29 20.33
C PHE D 153 3.13 -24.31 19.18
N VAL D 154 3.54 -23.07 19.51
CA VAL D 154 4.06 -22.14 18.50
C VAL D 154 5.30 -21.41 19.00
N ASP D 155 6.10 -20.91 18.05
CA ASP D 155 7.31 -20.16 18.34
C ASP D 155 6.93 -18.71 18.59
N TRP D 156 6.93 -18.32 19.85
CA TRP D 156 6.55 -16.96 20.26
C TRP D 156 7.63 -15.91 19.96
N GLU D 157 8.82 -16.38 19.55
CA GLU D 157 9.89 -15.50 19.09
C GLU D 157 9.48 -14.84 17.77
N LYS D 158 8.73 -15.59 16.95
CA LYS D 158 8.29 -15.11 15.65
C LYS D 158 6.85 -14.62 15.69
N GLU D 159 6.43 -13.96 14.60
CA GLU D 159 5.05 -13.53 14.43
C GLU D 159 4.10 -14.71 14.62
N VAL D 160 3.02 -14.47 15.36
CA VAL D 160 1.99 -15.46 15.58
C VAL D 160 0.69 -15.01 14.93
N ILE D 161 0.06 -15.91 14.17
CA ILE D 161 -1.22 -15.62 13.53
C ILE D 161 -2.36 -16.18 14.37
N VAL D 162 -3.17 -15.28 14.91
CA VAL D 162 -4.37 -15.65 15.65
C VAL D 162 -5.55 -15.60 14.69
N GLY D 163 -5.91 -16.77 14.15
CA GLY D 163 -6.98 -16.87 13.15
C GLY D 163 -8.31 -17.18 13.80
N LEU D 164 -9.37 -16.53 13.31
CA LEU D 164 -10.72 -16.73 13.84
C LEU D 164 -11.63 -17.25 12.75
N HIS D 165 -12.37 -18.32 13.04
CA HIS D 165 -13.40 -18.79 12.11
C HIS D 165 -14.73 -18.81 12.78
N GLN D 166 -15.61 -17.90 12.35
CA GLN D 166 -17.00 -17.95 12.77
C GLN D 166 -17.72 -18.90 11.81
N ILE D 167 -18.26 -19.99 12.35
CA ILE D 167 -18.88 -21.02 11.54
C ILE D 167 -20.25 -21.39 12.08
N ARG D 168 -21.23 -21.41 11.19
CA ARG D 168 -22.52 -22.04 11.46
C ARG D 168 -22.61 -23.31 10.61
N TYR D 169 -22.84 -24.44 11.26
CA TYR D 169 -23.30 -25.63 10.56
C TYR D 169 -24.82 -25.53 10.54
N HIS D 170 -25.38 -25.43 9.34
CA HIS D 170 -26.82 -25.24 9.18
C HIS D 170 -27.39 -26.52 8.59
N VAL D 171 -28.50 -27.00 9.14
CA VAL D 171 -29.07 -28.28 8.70
C VAL D 171 -30.57 -28.26 8.46
N THR D 172 -31.01 -29.10 7.54
CA THR D 172 -32.42 -29.39 7.33
C THR D 172 -32.49 -30.89 7.05
N PRO D 173 -33.62 -31.54 7.34
CA PRO D 173 -33.70 -33.01 7.20
C PRO D 173 -33.14 -33.58 5.90
N ASP D 174 -33.25 -32.81 4.82
CA ASP D 174 -32.82 -33.24 3.49
C ASP D 174 -31.31 -33.04 3.27
N ALA D 175 -30.73 -32.06 3.96
CA ALA D 175 -29.33 -31.72 3.80
C ALA D 175 -28.63 -31.44 5.13
N PRO D 176 -27.81 -32.39 5.60
CA PRO D 176 -27.05 -32.18 6.82
C PRO D 176 -25.79 -31.36 6.57
N SER D 177 -25.06 -31.07 7.65
CA SER D 177 -23.84 -30.29 7.58
C SER D 177 -22.68 -31.06 8.21
N TYR D 178 -21.47 -30.77 7.78
CA TYR D 178 -20.27 -31.45 8.28
C TYR D 178 -19.03 -30.59 8.11
N SER D 179 -17.95 -30.98 8.79
CA SER D 179 -16.73 -30.18 8.80
C SER D 179 -15.93 -30.30 7.52
N SER D 180 -14.99 -29.39 7.36
CA SER D 180 -13.92 -29.53 6.39
C SER D 180 -12.61 -29.68 7.18
N PRO D 181 -11.96 -30.85 7.16
CA PRO D 181 -12.44 -32.03 6.48
C PRO D 181 -13.48 -32.80 7.28
N ILE D 182 -14.03 -33.82 6.64
CA ILE D 182 -15.25 -34.47 7.09
C ILE D 182 -15.10 -35.31 8.33
N TRP D 183 -13.97 -35.99 8.46
CA TRP D 183 -13.77 -37.01 9.50
C TRP D 183 -12.56 -36.62 10.35
N LEU D 184 -11.87 -37.61 10.92
CA LEU D 184 -10.69 -37.41 11.75
C LEU D 184 -9.59 -36.74 10.96
N HIS D 185 -8.97 -35.75 11.56
CA HIS D 185 -7.92 -35.01 10.88
C HIS D 185 -7.07 -34.27 11.90
N ARG D 186 -6.00 -33.67 11.40
CA ARG D 186 -5.28 -32.66 12.13
C ARG D 186 -5.38 -31.40 11.31
N ASP D 187 -5.27 -30.25 11.96
CA ASP D 187 -5.26 -28.99 11.24
C ASP D 187 -3.83 -28.48 11.12
N ASP D 188 -3.57 -27.70 10.08
CA ASP D 188 -2.27 -27.04 9.88
C ASP D 188 -1.87 -26.27 11.14
N GLU D 189 -2.85 -25.61 11.74
CA GLU D 189 -2.63 -24.76 12.90
C GLU D 189 -2.38 -25.62 14.15
N PRO D 190 -1.17 -25.52 14.76
CA PRO D 190 -0.77 -26.35 15.91
C PRO D 190 -1.72 -26.35 17.10
N LEU D 191 -2.46 -25.25 17.28
CA LEU D 191 -3.42 -25.14 18.37
C LEU D 191 -4.73 -24.53 17.88
N VAL D 192 -5.83 -25.24 18.10
CA VAL D 192 -7.15 -24.77 17.67
C VAL D 192 -8.13 -24.84 18.83
N PHE D 193 -8.77 -23.71 19.13
CA PHE D 193 -9.80 -23.63 20.16
C PHE D 193 -11.18 -23.69 19.51
N VAL D 194 -12.04 -24.59 20.02
CA VAL D 194 -13.40 -24.75 19.52
C VAL D 194 -14.38 -24.21 20.55
N HIS D 195 -14.88 -23.00 20.33
CA HIS D 195 -15.87 -22.43 21.21
C HIS D 195 -17.25 -22.65 20.61
N LEU D 196 -18.13 -23.28 21.37
CA LEU D 196 -19.53 -23.39 20.95
C LEU D 196 -20.24 -22.09 21.31
N PHE D 197 -21.07 -21.60 20.39
CA PHE D 197 -21.93 -20.44 20.67
C PHE D 197 -23.40 -20.80 20.77
N LYS D 198 -23.89 -21.68 19.90
CA LYS D 198 -25.27 -22.16 20.01
C LYS D 198 -25.46 -23.54 19.42
N LEU D 199 -26.41 -24.30 19.99
CA LEU D 199 -26.80 -25.61 19.47
C LEU D 199 -28.32 -25.82 19.61
N SER D 200 -29.05 -25.76 18.50
CA SER D 200 -30.50 -25.92 18.52
C SER D 200 -30.89 -27.26 19.14
N GLU D 201 -31.89 -27.24 20.02
CA GLU D 201 -32.23 -28.43 20.80
C GLU D 201 -32.66 -29.62 19.97
N ASP D 202 -33.13 -29.39 18.74
CA ASP D 202 -33.40 -30.51 17.83
C ASP D 202 -32.34 -30.70 16.73
N ALA D 203 -31.07 -30.52 17.11
CA ALA D 203 -29.91 -30.80 16.28
C ALA D 203 -29.18 -32.05 16.81
N ILE D 204 -28.84 -32.96 15.90
CA ILE D 204 -28.12 -34.18 16.27
C ILE D 204 -26.72 -34.10 15.71
N GLY D 205 -25.81 -34.91 16.23
CA GLY D 205 -24.42 -34.87 15.81
C GLY D 205 -23.71 -33.69 16.43
N GLY D 206 -22.57 -33.31 15.88
CA GLY D 206 -21.75 -32.28 16.51
C GLY D 206 -21.05 -32.79 17.77
N ASP D 207 -20.92 -34.12 17.87
CA ASP D 207 -20.07 -34.75 18.88
C ASP D 207 -18.66 -34.52 18.41
N ASN D 208 -17.79 -34.06 19.30
CA ASN D 208 -16.37 -33.95 18.99
C ASN D 208 -15.70 -35.25 19.37
N LEU D 209 -14.78 -35.70 18.54
CA LEU D 209 -14.03 -36.92 18.77
C LEU D 209 -12.56 -36.59 18.98
N ILE D 210 -11.93 -37.28 19.94
CA ILE D 210 -10.48 -37.28 20.09
C ILE D 210 -9.97 -38.70 19.86
N ALA D 211 -8.93 -38.83 19.05
CA ALA D 211 -8.40 -40.12 18.67
C ALA D 211 -6.87 -40.10 18.52
N PRO D 212 -6.19 -41.13 19.04
CA PRO D 212 -4.75 -41.27 18.89
C PRO D 212 -4.36 -41.84 17.53
N SER D 213 -5.29 -42.55 16.88
CA SER D 213 -5.10 -43.03 15.53
C SER D 213 -6.43 -42.95 14.81
N VAL D 214 -6.42 -43.37 13.56
CA VAL D 214 -7.64 -43.41 12.75
C VAL D 214 -8.40 -44.73 12.95
N LYS D 215 -7.83 -45.67 13.72
CA LYS D 215 -8.46 -46.96 13.98
C LYS D 215 -9.11 -47.04 15.35
N GLN D 216 -8.93 -46.00 16.17
CA GLN D 216 -9.41 -46.04 17.54
C GLN D 216 -9.77 -44.65 18.03
N ILE D 217 -10.76 -44.60 18.92
CA ILE D 217 -11.28 -43.34 19.45
C ILE D 217 -11.21 -43.37 20.98
N ASP D 218 -10.54 -42.38 21.55
CA ASP D 218 -10.34 -42.29 23.00
C ASP D 218 -11.42 -41.48 23.69
N LYS D 219 -11.87 -40.41 23.06
CA LYS D 219 -12.86 -39.53 23.67
C LYS D 219 -14.00 -39.18 22.70
N VAL D 220 -15.22 -39.34 23.20
CA VAL D 220 -16.40 -38.73 22.57
C VAL D 220 -16.93 -37.75 23.60
N LEU D 221 -17.45 -36.64 23.11
CA LEU D 221 -17.66 -35.48 23.94
C LEU D 221 -18.45 -34.47 23.09
N ARG D 222 -19.52 -33.93 23.66
CA ARG D 222 -20.44 -33.09 22.88
C ARG D 222 -20.66 -31.74 23.55
N LEU D 223 -20.22 -30.68 22.88
CA LEU D 223 -20.41 -29.32 23.39
C LEU D 223 -21.86 -28.91 23.14
N THR D 224 -22.54 -28.45 24.20
CA THR D 224 -23.97 -28.08 24.13
C THR D 224 -24.32 -26.68 24.65
N ASP D 225 -23.66 -26.24 25.72
CA ASP D 225 -23.94 -24.93 26.29
C ASP D 225 -22.94 -23.90 25.77
N PRO D 226 -23.40 -22.65 25.53
CA PRO D 226 -22.57 -21.57 25.03
C PRO D 226 -21.23 -21.40 25.75
N LEU D 227 -20.17 -21.28 24.94
CA LEU D 227 -18.81 -21.07 25.39
C LEU D 227 -18.11 -22.31 25.97
N GLU D 228 -18.79 -23.46 25.98
CA GLU D 228 -18.11 -24.73 26.23
C GLU D 228 -17.06 -24.87 25.14
N THR D 229 -15.83 -25.17 25.55
CA THR D 229 -14.69 -25.08 24.64
C THR D 229 -13.92 -26.39 24.61
N LEU D 230 -13.19 -26.60 23.52
CA LEU D 230 -12.27 -27.73 23.39
C LEU D 230 -11.03 -27.27 22.66
N ALA D 231 -9.88 -27.31 23.33
CA ALA D 231 -8.60 -26.99 22.70
C ALA D 231 -8.00 -28.24 22.10
N LEU D 232 -7.31 -28.09 20.95
CA LEU D 232 -6.83 -29.22 20.17
C LEU D 232 -5.43 -28.97 19.63
N GLY D 233 -4.48 -29.80 20.06
CA GLY D 233 -3.11 -29.75 19.58
C GLY D 233 -2.91 -30.76 18.47
N GLN D 234 -1.83 -30.62 17.72
CA GLN D 234 -1.58 -31.52 16.59
C GLN D 234 -1.26 -32.96 17.02
N LYS D 235 -0.94 -33.15 18.29
CA LYS D 235 -0.60 -34.50 18.78
C LYS D 235 -1.64 -35.54 18.40
N VAL D 236 -2.93 -35.23 18.58
CA VAL D 236 -4.02 -36.18 18.34
C VAL D 236 -4.77 -35.95 17.01
N PHE D 237 -5.71 -36.83 16.72
CA PHE D 237 -6.69 -36.61 15.66
C PHE D 237 -7.95 -36.11 16.32
N HIS D 238 -8.66 -35.23 15.65
CA HIS D 238 -9.98 -34.80 16.11
C HIS D 238 -10.97 -34.77 14.97
N ALA D 239 -12.23 -34.80 15.31
CA ALA D 239 -13.29 -34.70 14.33
C ALA D 239 -14.50 -34.04 14.93
N VAL D 240 -15.49 -33.79 14.11
CA VAL D 240 -16.79 -33.43 14.58
C VAL D 240 -17.80 -34.25 13.79
N THR D 241 -18.67 -34.98 14.49
CA THR D 241 -19.67 -35.82 13.88
C THR D 241 -20.58 -34.90 13.11
N PRO D 242 -21.00 -35.30 11.91
CA PRO D 242 -21.90 -34.48 11.12
C PRO D 242 -23.12 -34.06 11.90
N VAL D 243 -23.57 -32.83 11.67
CA VAL D 243 -24.78 -32.31 12.27
C VAL D 243 -25.97 -32.60 11.35
N GLY D 244 -27.09 -33.00 11.94
CA GLY D 244 -28.35 -33.19 11.21
C GLY D 244 -29.51 -32.74 12.08
N THR D 245 -30.73 -32.89 11.58
CA THR D 245 -31.90 -32.49 12.35
C THR D 245 -33.16 -33.30 12.03
N ALA D 246 -33.95 -33.54 13.08
CA ALA D 246 -35.25 -34.18 12.95
C ALA D 246 -36.25 -33.22 12.33
N ASN D 247 -36.23 -31.98 12.80
CA ASN D 247 -37.24 -30.98 12.50
C ASN D 247 -37.09 -30.33 11.11
N ILE D 248 -38.21 -30.15 10.42
CA ILE D 248 -38.22 -29.65 9.03
C ILE D 248 -37.89 -28.16 8.91
N ASP D 249 -38.08 -27.40 10.00
CA ASP D 249 -37.74 -25.97 10.03
C ASP D 249 -36.24 -25.70 10.14
N GLY D 250 -35.44 -26.74 10.34
CA GLY D 250 -34.00 -26.59 10.40
C GLY D 250 -33.47 -26.45 11.80
N ALA D 251 -32.19 -26.74 11.96
CA ALA D 251 -31.46 -26.53 13.20
C ALA D 251 -30.06 -26.02 12.84
N HIS D 252 -29.25 -25.70 13.85
CA HIS D 252 -27.93 -25.18 13.59
C HIS D 252 -26.99 -25.39 14.77
N ARG D 253 -25.69 -25.46 14.47
CA ARG D 253 -24.63 -25.50 15.47
C ARG D 253 -23.68 -24.35 15.14
N ASP D 254 -23.57 -23.38 16.04
CA ASP D 254 -22.73 -22.20 15.82
C ASP D 254 -21.47 -22.27 16.66
N ILE D 255 -20.30 -22.12 16.03
CA ILE D 255 -19.03 -22.18 16.74
C ILE D 255 -18.09 -21.04 16.38
N LEU D 256 -17.09 -20.81 17.24
CA LEU D 256 -15.99 -19.93 16.92
C LEU D 256 -14.70 -20.70 17.11
N LEU D 257 -13.91 -20.79 16.04
CA LEU D 257 -12.56 -21.32 16.14
C LEU D 257 -11.59 -20.19 16.36
N VAL D 258 -10.61 -20.44 17.21
CA VAL D 258 -9.48 -19.53 17.38
C VAL D 258 -8.21 -20.34 17.20
N THR D 259 -7.52 -20.09 16.09
CA THR D 259 -6.33 -20.85 15.70
C THR D 259 -5.11 -20.08 16.14
N PHE D 260 -4.02 -20.81 16.38
CA PHE D 260 -2.72 -20.21 16.61
C PHE D 260 -1.68 -20.91 15.74
N SER D 261 -0.88 -20.11 15.04
CA SER D 261 0.15 -20.65 14.15
C SER D 261 1.22 -19.59 13.87
N ASN D 262 2.32 -20.03 13.29
CA ASN D 262 3.42 -19.13 12.93
C ASN D 262 3.30 -18.73 11.45
N ARG D 263 4.30 -18.00 10.98
CA ARG D 263 4.38 -17.65 9.57
C ARG D 263 5.54 -18.39 8.91
#